data_4CK8
#
_entry.id   4CK8
#
_cell.length_a   59.900
_cell.length_b   137.180
_cell.length_c   152.430
_cell.angle_alpha   90.00
_cell.angle_beta   90.00
_cell.angle_gamma   90.00
#
_symmetry.space_group_name_H-M   'P 2 21 21'
#
loop_
_entity.id
_entity.type
_entity.pdbx_description
1 polymer 'STEROL 14-ALPHA DEMETHYLASE'
2 non-polymer 'PROTOPORPHYRIN IX CONTAINING FE'
3 non-polymer '(1R)-1-(2,4-dichlorophenyl)-2-(1H-imidazol-1-yl)ethyl {4-[4-(3,4-dichlorophenyl)piperazin-1-yl]phenyl}carbamate'
4 water water
#
_entity_poly.entity_id   1
_entity_poly.type   'polypeptide(L)'
_entity_poly.pdbx_seq_one_letter_code
;AKKTPPVYPVTVPFLGHIVQFGKNPLEFMQRCKRDLKSGVFTISIGGQRVTIVGDPHEHSRFFSPRNEILSPREVYTIMT
PVFGEGVAYAAPYPRMREQLNFLAEELTIAKFQNFVPAIQHEVRKFMAENWKEDEGVINLLEDCGAMIINTACQCLFGED
LRKRLNARHFAQLLSKMESSLIPAAVFMPWLLRLPLPQSARCREARAELQKILGEIIVAREKEEASKDNNTSDLLGGLLK
AVYRDGTRMSLHEVCGMIVAAMFAGQHTSTITTSWSMLHLMHPKNKKWLDKLHKEIDEFPAQLNYDNVMDEMPFAERCVR
ESIRRDPPLLMVMRMVKAEVKVGSYVVPKGDIIACSPLLSHHDEEAFPNPRLWDPERDEKVDGAFIGFGAGVHKCIGQKF
ALLQVKTILATAFREYDFQLLRDEVPDPDYHTMVVGPTLNQCLVKYTRKKKLPSHHHHHH
;
_entity_poly.pdbx_strand_id   A,B
#
# COMPACT_ATOMS: atom_id res chain seq x y z
N LYS A 2 -17.65 -23.39 -16.54
CA LYS A 2 -19.09 -23.34 -16.92
C LYS A 2 -19.98 -23.91 -15.81
N LYS A 3 -19.36 -24.30 -14.71
CA LYS A 3 -20.09 -24.90 -13.60
C LYS A 3 -19.49 -24.49 -12.26
N THR A 4 -20.18 -24.89 -11.19
CA THR A 4 -19.85 -24.45 -9.86
C THR A 4 -18.54 -25.08 -9.39
N PRO A 5 -17.98 -24.52 -8.31
CA PRO A 5 -16.75 -25.03 -7.74
C PRO A 5 -17.00 -26.35 -7.05
N PRO A 6 -15.92 -27.07 -6.70
CA PRO A 6 -16.23 -28.31 -6.03
C PRO A 6 -17.14 -28.03 -4.86
N VAL A 7 -17.92 -29.03 -4.46
CA VAL A 7 -18.58 -28.99 -3.18
C VAL A 7 -17.88 -29.99 -2.26
N TYR A 8 -18.16 -29.85 -0.97
CA TYR A 8 -17.55 -30.74 0.00
C TYR A 8 -18.61 -31.70 0.57
N PRO A 9 -18.28 -32.99 0.66
CA PRO A 9 -19.30 -33.99 0.97
C PRO A 9 -20.05 -33.72 2.27
N VAL A 10 -21.37 -33.70 2.17
CA VAL A 10 -22.20 -33.47 3.33
C VAL A 10 -22.67 -34.82 3.90
N THR A 11 -22.09 -35.20 5.03
CA THR A 11 -22.41 -36.48 5.66
C THR A 11 -23.58 -36.37 6.63
N VAL A 12 -23.90 -35.16 7.07
CA VAL A 12 -25.02 -34.95 7.99
C VAL A 12 -25.87 -33.76 7.58
N PRO A 13 -26.82 -34.03 6.76
CA PRO A 13 -27.39 -33.12 5.79
C PRO A 13 -28.00 -31.87 6.35
N PHE A 14 -28.65 -31.90 7.49
CA PHE A 14 -29.10 -30.64 8.07
C PHE A 14 -27.97 -29.67 8.53
N LEU A 15 -26.93 -30.20 9.16
CA LEU A 15 -25.85 -29.39 9.62
C LEU A 15 -25.04 -28.68 8.55
N GLY A 16 -24.74 -29.41 7.49
CA GLY A 16 -23.68 -29.07 6.56
C GLY A 16 -22.34 -29.37 7.21
N HIS A 17 -21.55 -28.33 7.44
CA HIS A 17 -20.20 -28.48 7.96
C HIS A 17 -20.03 -27.63 9.22
N ILE A 18 -21.17 -27.25 9.79
CA ILE A 18 -21.21 -26.31 10.89
C ILE A 18 -20.30 -26.74 12.05
N VAL A 19 -20.13 -28.04 12.23
CA VAL A 19 -19.46 -28.56 13.42
C VAL A 19 -17.95 -28.53 13.30
N GLN A 20 -17.43 -29.02 12.18
CA GLN A 20 -15.98 -29.10 11.96
C GLN A 20 -15.47 -27.71 11.58
N PHE A 21 -16.40 -26.86 11.20
CA PHE A 21 -16.11 -25.46 10.90
C PHE A 21 -16.11 -24.62 12.17
N GLY A 22 -17.05 -24.93 13.07
CA GLY A 22 -17.09 -24.29 14.38
C GLY A 22 -15.99 -24.78 15.30
N LYS A 23 -15.41 -25.93 14.97
CA LYS A 23 -14.45 -26.60 15.83
C LYS A 23 -13.05 -26.08 15.61
N ASN A 24 -12.58 -26.23 14.38
CA ASN A 24 -11.27 -25.74 13.96
C ASN A 24 -11.35 -25.36 12.49
N PRO A 25 -11.75 -24.12 12.21
CA PRO A 25 -12.00 -23.63 10.85
C PRO A 25 -10.74 -23.67 10.01
N LEU A 26 -9.59 -23.60 10.66
CA LEU A 26 -8.33 -23.54 9.96
C LEU A 26 -8.01 -24.90 9.36
N GLU A 27 -7.84 -25.89 10.24
CA GLU A 27 -7.76 -27.30 9.84
C GLU A 27 -8.75 -27.67 8.74
N PHE A 28 -10.00 -27.28 8.95
CA PHE A 28 -11.13 -27.76 8.16
C PHE A 28 -11.08 -27.22 6.74
N MET A 29 -11.11 -25.89 6.65
CA MET A 29 -11.00 -25.18 5.38
C MET A 29 -9.79 -25.64 4.60
N GLN A 30 -8.69 -25.86 5.33
CA GLN A 30 -7.47 -26.37 4.74
C GLN A 30 -7.68 -27.77 4.19
N ARG A 31 -8.38 -28.58 4.96
CA ARG A 31 -8.73 -29.93 4.53
C ARG A 31 -9.55 -29.88 3.24
N CYS A 32 -10.58 -29.06 3.23
CA CYS A 32 -11.39 -28.90 2.04
C CYS A 32 -10.49 -28.55 0.87
N LYS A 33 -9.55 -27.64 1.11
CA LYS A 33 -8.74 -27.10 0.03
C LYS A 33 -7.70 -28.10 -0.46
N ARG A 34 -7.29 -28.99 0.43
CA ARG A 34 -6.32 -30.02 0.09
C ARG A 34 -7.00 -31.19 -0.62
N ASP A 35 -8.06 -31.68 0.01
CA ASP A 35 -8.81 -32.82 -0.51
C ASP A 35 -9.44 -32.50 -1.85
N LEU A 36 -10.29 -31.47 -1.86
CA LEU A 36 -10.97 -31.05 -3.09
C LEU A 36 -10.00 -30.62 -4.18
N LYS A 37 -8.70 -30.69 -3.87
CA LYS A 37 -7.67 -30.33 -4.83
C LYS A 37 -7.90 -28.96 -5.45
N SER A 38 -8.63 -28.10 -4.75
CA SER A 38 -9.02 -26.79 -5.27
C SER A 38 -9.12 -25.72 -4.19
N GLY A 39 -8.27 -24.71 -4.29
CA GLY A 39 -8.27 -23.58 -3.36
C GLY A 39 -9.57 -22.81 -3.31
N VAL A 40 -10.36 -22.94 -4.37
CA VAL A 40 -11.71 -22.43 -4.39
C VAL A 40 -12.70 -23.58 -4.28
N PHE A 41 -13.65 -23.45 -3.37
CA PHE A 41 -14.63 -24.51 -3.19
C PHE A 41 -15.85 -24.04 -2.41
N THR A 42 -16.90 -24.84 -2.46
CA THR A 42 -18.11 -24.57 -1.71
C THR A 42 -18.18 -25.46 -0.48
N ILE A 43 -18.78 -24.91 0.57
CA ILE A 43 -19.23 -25.70 1.71
C ILE A 43 -20.66 -25.29 2.03
N SER A 44 -21.29 -26.03 2.93
CA SER A 44 -22.68 -25.77 3.31
C SER A 44 -22.81 -25.49 4.81
N ILE A 45 -23.66 -24.53 5.14
CA ILE A 45 -23.94 -24.20 6.53
C ILE A 45 -25.45 -24.10 6.77
N GLY A 46 -26.00 -25.11 7.43
CA GLY A 46 -27.46 -25.22 7.55
C GLY A 46 -28.09 -25.24 6.18
N GLY A 47 -27.36 -25.78 5.21
CA GLY A 47 -27.85 -25.95 3.85
C GLY A 47 -27.75 -24.70 3.01
N GLN A 48 -26.98 -23.73 3.49
CA GLN A 48 -26.65 -22.54 2.73
C GLN A 48 -25.31 -22.72 2.04
N ARG A 49 -25.30 -22.62 0.70
CA ARG A 49 -24.05 -22.75 -0.05
C ARG A 49 -23.10 -21.64 0.40
N VAL A 50 -21.87 -22.00 0.73
CA VAL A 50 -20.87 -21.02 1.15
C VAL A 50 -19.56 -21.24 0.43
N THR A 51 -19.35 -20.47 -0.62
CA THR A 51 -18.21 -20.68 -1.49
C THR A 51 -17.01 -19.87 -1.02
N ILE A 52 -15.99 -20.57 -0.55
CA ILE A 52 -14.80 -19.94 0.01
C ILE A 52 -13.76 -19.80 -1.09
N VAL A 53 -13.34 -18.56 -1.32
CA VAL A 53 -12.34 -18.23 -2.31
C VAL A 53 -10.96 -18.31 -1.66
N GLY A 54 -10.35 -19.48 -1.67
CA GLY A 54 -9.20 -19.76 -0.82
C GLY A 54 -7.88 -19.80 -1.53
N ASP A 55 -7.86 -19.28 -2.76
CA ASP A 55 -6.65 -19.22 -3.58
C ASP A 55 -6.25 -17.76 -3.73
N PRO A 56 -5.07 -17.40 -3.22
CA PRO A 56 -4.73 -15.99 -3.06
C PRO A 56 -4.69 -15.26 -4.40
N HIS A 57 -4.23 -15.94 -5.43
CA HIS A 57 -4.17 -15.32 -6.75
C HIS A 57 -5.54 -14.79 -7.16
N GLU A 58 -6.60 -15.30 -6.53
CA GLU A 58 -7.98 -14.99 -6.92
C GLU A 58 -8.63 -13.90 -6.08
N HIS A 59 -7.88 -13.36 -5.11
CA HIS A 59 -8.47 -12.41 -4.18
C HIS A 59 -9.20 -11.32 -4.96
N SER A 60 -8.56 -10.84 -6.03
CA SER A 60 -9.12 -9.74 -6.81
C SER A 60 -10.58 -10.03 -7.15
N ARG A 61 -10.85 -11.29 -7.50
CA ARG A 61 -12.16 -11.68 -8.01
C ARG A 61 -13.22 -11.34 -7.00
N PHE A 62 -12.87 -11.49 -5.73
CA PHE A 62 -13.82 -11.31 -4.63
C PHE A 62 -14.02 -9.83 -4.29
N PHE A 63 -12.91 -9.11 -4.11
CA PHE A 63 -12.93 -7.77 -3.56
C PHE A 63 -13.27 -6.69 -4.57
N SER A 64 -13.30 -7.06 -5.85
CA SER A 64 -13.41 -6.09 -6.94
C SER A 64 -14.86 -5.77 -7.32
N PRO A 65 -15.69 -6.80 -7.48
CA PRO A 65 -17.07 -6.52 -7.90
C PRO A 65 -17.77 -5.55 -6.95
N ARG A 66 -18.65 -4.72 -7.50
CA ARG A 66 -19.37 -3.72 -6.72
C ARG A 66 -20.33 -4.42 -5.77
N ASN A 67 -20.92 -3.65 -4.86
CA ASN A 67 -21.88 -4.17 -3.89
C ASN A 67 -23.04 -4.90 -4.57
N GLU A 68 -23.49 -4.35 -5.69
CA GLU A 68 -24.71 -4.82 -6.31
C GLU A 68 -24.58 -6.25 -6.83
N ILE A 69 -23.38 -6.61 -7.27
CA ILE A 69 -23.11 -7.98 -7.64
C ILE A 69 -22.82 -8.84 -6.41
N LEU A 70 -21.81 -8.45 -5.64
CA LEU A 70 -21.51 -9.11 -4.38
C LEU A 70 -21.82 -8.21 -3.21
N SER A 71 -22.92 -8.51 -2.53
CA SER A 71 -23.53 -7.60 -1.58
C SER A 71 -23.11 -7.96 -0.16
N PRO A 72 -22.65 -6.96 0.57
CA PRO A 72 -22.29 -7.00 1.99
C PRO A 72 -23.51 -6.99 2.90
N ARG A 73 -24.57 -6.33 2.46
CA ARG A 73 -25.66 -5.96 3.35
C ARG A 73 -26.29 -7.15 4.04
N GLU A 74 -26.65 -8.17 3.26
CA GLU A 74 -27.26 -9.36 3.83
C GLU A 74 -26.39 -9.90 4.94
N VAL A 75 -25.10 -10.04 4.63
CA VAL A 75 -24.19 -10.81 5.44
C VAL A 75 -23.96 -10.12 6.77
N TYR A 76 -24.34 -8.85 6.83
CA TYR A 76 -24.12 -8.05 8.04
C TYR A 76 -25.38 -7.67 8.82
N THR A 77 -26.53 -8.22 8.43
CA THR A 77 -27.79 -7.78 9.03
C THR A 77 -27.76 -8.09 10.52
N ILE A 78 -26.77 -8.88 10.89
CA ILE A 78 -26.67 -9.46 12.21
C ILE A 78 -26.11 -8.39 13.14
N MET A 79 -26.12 -7.18 12.61
CA MET A 79 -25.53 -6.03 13.27
C MET A 79 -26.56 -4.91 13.38
N THR A 80 -27.61 -4.99 12.55
CA THR A 80 -28.57 -3.89 12.45
C THR A 80 -29.07 -3.46 13.83
N PRO A 81 -29.11 -4.39 14.80
CA PRO A 81 -29.45 -3.96 16.15
C PRO A 81 -28.34 -3.11 16.77
N VAL A 82 -27.11 -3.40 16.38
CA VAL A 82 -25.95 -2.69 16.91
C VAL A 82 -25.86 -1.30 16.29
N PHE A 83 -26.00 -1.24 14.96
CA PHE A 83 -25.80 0.01 14.22
C PHE A 83 -27.11 0.78 14.12
N GLY A 84 -28.19 0.05 13.90
CA GLY A 84 -29.52 0.63 13.77
C GLY A 84 -30.12 0.33 12.41
N GLU A 85 -31.43 0.51 12.30
CA GLU A 85 -32.08 0.47 11.00
C GLU A 85 -31.61 1.65 10.16
N GLY A 86 -31.31 1.36 8.89
CA GLY A 86 -30.87 2.38 7.94
C GLY A 86 -29.50 2.94 8.28
N VAL A 87 -28.71 2.18 9.03
CA VAL A 87 -27.35 2.58 9.31
C VAL A 87 -26.38 1.62 8.63
N ALA A 88 -25.36 2.18 8.01
CA ALA A 88 -24.36 1.40 7.29
C ALA A 88 -25.01 0.57 6.19
N TYR A 89 -24.58 -0.68 6.08
CA TYR A 89 -25.08 -1.60 5.06
C TYR A 89 -26.61 -1.64 5.02
N ALA A 90 -27.20 -1.76 6.20
CA ALA A 90 -28.64 -1.69 6.33
C ALA A 90 -29.17 -0.59 5.44
N ALA A 91 -28.42 0.51 5.38
CA ALA A 91 -28.79 1.65 4.57
C ALA A 91 -28.56 1.32 3.10
N PRO A 92 -29.28 2.01 2.20
CA PRO A 92 -28.97 1.94 0.78
C PRO A 92 -27.51 2.28 0.51
N TYR A 93 -26.96 1.67 -0.53
CA TYR A 93 -25.51 1.61 -0.70
C TYR A 93 -24.92 2.99 -0.98
N PRO A 94 -25.68 3.86 -1.66
CA PRO A 94 -25.22 5.24 -1.80
C PRO A 94 -24.91 5.87 -0.45
N ARG A 95 -25.91 5.79 0.42
CA ARG A 95 -25.86 6.35 1.77
C ARG A 95 -24.85 5.65 2.66
N MET A 96 -24.78 4.35 2.59
CA MET A 96 -23.87 3.62 3.43
C MET A 96 -22.51 4.10 3.14
N ARG A 97 -22.26 4.36 1.87
CA ARG A 97 -20.95 4.81 1.42
C ARG A 97 -20.65 6.21 1.96
N GLU A 98 -21.62 7.10 1.84
CA GLU A 98 -21.52 8.43 2.45
C GLU A 98 -21.21 8.33 3.94
N GLN A 99 -21.92 7.45 4.64
CA GLN A 99 -21.75 7.35 6.09
C GLN A 99 -20.36 6.84 6.44
N LEU A 100 -19.94 5.79 5.75
CA LEU A 100 -18.60 5.22 5.95
C LEU A 100 -17.51 6.22 5.60
N ASN A 101 -17.76 7.03 4.57
CA ASN A 101 -16.86 8.11 4.19
C ASN A 101 -16.66 9.07 5.34
N PHE A 102 -17.77 9.61 5.83
CA PHE A 102 -17.76 10.55 6.94
C PHE A 102 -16.87 10.00 8.05
N LEU A 103 -17.15 8.75 8.44
CA LEU A 103 -16.34 8.09 9.44
C LEU A 103 -14.88 8.14 9.02
N ALA A 104 -14.61 7.74 7.79
CA ALA A 104 -13.24 7.57 7.31
C ALA A 104 -12.45 8.88 7.43
N GLU A 105 -13.08 10.00 7.08
CA GLU A 105 -12.45 11.29 7.24
C GLU A 105 -11.97 11.49 8.67
N GLU A 106 -12.85 11.16 9.62
CA GLU A 106 -12.60 11.37 11.04
C GLU A 106 -11.46 10.51 11.53
N LEU A 107 -10.92 9.70 10.64
CA LEU A 107 -9.93 8.69 11.01
C LEU A 107 -8.68 8.75 10.14
N THR A 108 -8.64 9.75 9.28
CA THR A 108 -7.43 10.04 8.51
C THR A 108 -6.31 10.48 9.44
N ILE A 109 -5.07 10.47 8.95
CA ILE A 109 -3.90 10.86 9.76
C ILE A 109 -3.89 12.33 10.15
N ALA A 110 -4.71 13.14 9.48
CA ALA A 110 -4.79 14.55 9.79
C ALA A 110 -5.31 14.73 11.22
N LYS A 111 -6.08 13.76 11.68
CA LYS A 111 -6.70 13.82 13.00
C LYS A 111 -5.74 13.31 14.09
N PHE A 112 -4.73 12.57 13.68
CA PHE A 112 -3.93 11.78 14.62
C PHE A 112 -2.89 12.62 15.37
N GLN A 113 -2.84 13.91 15.09
CA GLN A 113 -1.75 14.76 15.60
C GLN A 113 -1.64 14.71 17.13
N ASN A 114 -2.80 14.73 17.79
CA ASN A 114 -2.89 14.65 19.26
C ASN A 114 -2.65 13.24 19.82
N PHE A 115 -2.91 12.22 19.00
CA PHE A 115 -3.25 10.89 19.49
C PHE A 115 -2.07 10.17 20.18
N VAL A 116 -0.91 10.11 19.54
CA VAL A 116 0.22 9.38 20.11
C VAL A 116 0.55 9.79 21.54
N PRO A 117 0.47 11.10 21.85
CA PRO A 117 0.69 11.52 23.23
C PRO A 117 -0.46 11.09 24.13
N ALA A 118 -1.69 11.28 23.65
CA ALA A 118 -2.88 10.94 24.44
C ALA A 118 -2.94 9.45 24.73
N ILE A 119 -2.52 8.65 23.76
CA ILE A 119 -2.50 7.20 23.93
C ILE A 119 -1.45 6.79 24.96
N GLN A 120 -0.22 7.28 24.78
CA GLN A 120 0.88 7.03 25.71
C GLN A 120 0.47 7.37 27.14
N HIS A 121 -0.22 8.49 27.30
CA HIS A 121 -0.73 8.91 28.59
C HIS A 121 -1.56 7.79 29.23
N GLU A 122 -2.67 7.43 28.58
CA GLU A 122 -3.59 6.46 29.14
C GLU A 122 -2.92 5.12 29.44
N VAL A 123 -1.95 4.75 28.62
CA VAL A 123 -1.24 3.51 28.83
C VAL A 123 -0.39 3.59 30.10
N ARG A 124 0.30 4.70 30.29
CA ARG A 124 1.09 4.88 31.50
C ARG A 124 0.19 4.93 32.72
N LYS A 125 -0.94 5.63 32.58
CA LYS A 125 -1.97 5.65 33.61
C LYS A 125 -2.35 4.23 34.04
N PHE A 126 -2.91 3.49 33.08
CA PHE A 126 -3.39 2.14 33.35
C PHE A 126 -2.31 1.28 33.97
N MET A 127 -1.07 1.46 33.52
CA MET A 127 0.04 0.61 33.94
C MET A 127 0.41 0.90 35.38
N ALA A 128 0.44 2.18 35.73
CA ALA A 128 0.76 2.59 37.10
C ALA A 128 -0.38 2.27 38.06
N GLU A 129 -1.63 2.41 37.63
CA GLU A 129 -2.78 2.04 38.44
C GLU A 129 -2.98 0.53 38.54
N ASN A 130 -2.41 -0.22 37.61
CA ASN A 130 -2.65 -1.66 37.58
C ASN A 130 -1.42 -2.55 37.59
N TRP A 131 -0.30 -2.03 37.11
CA TRP A 131 0.95 -2.76 37.22
C TRP A 131 1.81 -2.08 38.28
N LYS A 132 1.18 -1.87 39.43
CA LYS A 132 1.74 -1.09 40.53
C LYS A 132 3.07 -1.64 41.03
N GLU A 133 3.17 -2.96 41.18
CA GLU A 133 4.35 -3.58 41.78
C GLU A 133 5.49 -3.85 40.80
N ASP A 134 6.65 -4.17 41.34
CA ASP A 134 7.87 -4.39 40.57
C ASP A 134 7.71 -5.60 39.66
N GLU A 135 7.06 -6.61 40.21
CA GLU A 135 6.65 -7.78 39.44
C GLU A 135 5.15 -7.95 39.57
N GLY A 136 4.65 -9.04 39.01
CA GLY A 136 3.23 -9.30 39.07
C GLY A 136 2.76 -10.05 37.85
N VAL A 137 1.58 -10.64 37.98
CA VAL A 137 1.01 -11.45 36.92
C VAL A 137 -0.34 -10.88 36.52
N ILE A 138 -0.49 -10.63 35.23
CA ILE A 138 -1.73 -10.08 34.70
C ILE A 138 -2.20 -10.87 33.50
N ASN A 139 -3.48 -10.73 33.19
CA ASN A 139 -4.04 -11.27 31.96
C ASN A 139 -3.85 -10.29 30.81
N LEU A 140 -3.00 -10.68 29.87
CA LEU A 140 -2.58 -9.76 28.81
C LEU A 140 -3.73 -9.39 27.87
N LEU A 141 -4.56 -10.37 27.54
CA LEU A 141 -5.70 -10.15 26.66
C LEU A 141 -6.72 -9.26 27.36
N GLU A 142 -6.82 -9.42 28.67
CA GLU A 142 -7.87 -8.78 29.46
C GLU A 142 -7.53 -7.32 29.61
N ASP A 143 -6.32 -7.08 30.08
CA ASP A 143 -5.81 -5.74 30.36
C ASP A 143 -5.81 -4.94 29.08
N CYS A 144 -5.23 -5.54 28.05
CA CYS A 144 -5.03 -4.84 26.79
C CYS A 144 -6.38 -4.31 26.37
N GLY A 145 -7.39 -5.14 26.56
CA GLY A 145 -8.74 -4.80 26.14
C GLY A 145 -9.12 -3.52 26.81
N ALA A 146 -8.70 -3.39 28.07
CA ALA A 146 -8.93 -2.20 28.86
C ALA A 146 -8.10 -1.01 28.39
N MET A 147 -6.81 -1.23 28.18
CA MET A 147 -5.98 -0.18 27.60
C MET A 147 -6.59 0.33 26.30
N ILE A 148 -7.09 -0.56 25.46
CA ILE A 148 -7.53 -0.16 24.12
C ILE A 148 -8.75 0.76 24.19
N ILE A 149 -9.79 0.29 24.86
CA ILE A 149 -11.02 1.08 25.03
C ILE A 149 -10.71 2.43 25.69
N ASN A 150 -9.71 2.42 26.56
CA ASN A 150 -9.30 3.64 27.25
C ASN A 150 -8.71 4.61 26.24
N THR A 151 -7.60 4.16 25.65
CA THR A 151 -6.80 4.95 24.73
C THR A 151 -7.60 5.44 23.52
N ALA A 152 -8.61 4.67 23.12
CA ALA A 152 -9.44 5.02 21.97
C ALA A 152 -10.33 6.21 22.29
N CYS A 153 -11.04 6.12 23.41
CA CYS A 153 -11.93 7.21 23.83
C CYS A 153 -11.09 8.46 24.05
N GLN A 154 -10.01 8.29 24.80
CA GLN A 154 -9.02 9.36 24.97
C GLN A 154 -8.79 10.10 23.66
N CYS A 155 -8.64 9.36 22.56
CA CYS A 155 -8.32 9.96 21.27
C CYS A 155 -9.52 10.59 20.56
N LEU A 156 -10.64 9.86 20.50
CA LEU A 156 -11.74 10.21 19.61
C LEU A 156 -12.88 10.88 20.37
N PHE A 157 -12.71 10.98 21.69
CA PHE A 157 -13.77 11.44 22.57
C PHE A 157 -13.41 12.76 23.22
N GLY A 158 -14.25 13.76 22.98
CA GLY A 158 -14.09 15.07 23.59
C GLY A 158 -14.18 15.04 25.10
N GLU A 159 -13.50 15.98 25.75
CA GLU A 159 -13.43 16.00 27.21
C GLU A 159 -14.78 15.72 27.86
N ASP A 160 -15.78 16.50 27.47
CA ASP A 160 -17.10 16.46 28.12
C ASP A 160 -17.76 15.09 27.98
N LEU A 161 -17.60 14.47 26.82
CA LEU A 161 -18.19 13.17 26.55
C LEU A 161 -17.46 12.06 27.30
N ARG A 162 -16.14 12.20 27.43
CA ARG A 162 -15.36 11.29 28.26
C ARG A 162 -15.69 11.51 29.74
N LYS A 163 -16.25 12.66 30.05
CA LYS A 163 -16.76 12.92 31.39
C LYS A 163 -18.02 12.11 31.68
N ARG A 164 -19.08 12.37 30.92
CA ARG A 164 -20.37 11.72 31.18
C ARG A 164 -20.31 10.22 30.90
N LEU A 165 -19.42 9.85 29.99
CA LEU A 165 -19.19 8.45 29.68
C LEU A 165 -17.70 8.18 29.78
N ASN A 166 -17.31 7.23 30.62
CA ASN A 166 -15.92 6.81 30.66
C ASN A 166 -15.68 5.52 29.90
N ALA A 167 -14.41 5.23 29.67
CA ALA A 167 -14.03 4.07 28.89
C ALA A 167 -14.63 2.82 29.50
N ARG A 168 -14.35 2.60 30.78
CA ARG A 168 -14.76 1.37 31.46
C ARG A 168 -16.26 1.15 31.29
N HIS A 169 -17.05 2.20 31.52
CA HIS A 169 -18.49 2.10 31.46
C HIS A 169 -18.97 1.83 30.03
N PHE A 170 -18.32 2.49 29.07
CA PHE A 170 -18.62 2.33 27.66
C PHE A 170 -18.41 0.88 27.20
N ALA A 171 -17.35 0.26 27.72
CA ALA A 171 -17.01 -1.12 27.36
C ALA A 171 -18.15 -2.05 27.76
N GLN A 172 -18.82 -1.72 28.85
CA GLN A 172 -19.93 -2.52 29.35
C GLN A 172 -21.14 -2.36 28.42
N LEU A 173 -21.20 -1.23 27.73
CA LEU A 173 -22.20 -1.06 26.68
C LEU A 173 -21.83 -1.89 25.45
N LEU A 174 -20.52 -1.97 25.16
CA LEU A 174 -20.02 -2.78 24.06
C LEU A 174 -20.26 -4.29 24.27
N SER A 175 -19.86 -4.80 25.43
CA SER A 175 -20.23 -6.16 25.84
C SER A 175 -21.75 -6.32 25.77
N LYS A 176 -22.46 -5.54 26.57
CA LYS A 176 -23.92 -5.60 26.62
C LYS A 176 -24.46 -5.66 25.19
N MET A 177 -24.25 -4.62 24.42
CA MET A 177 -24.76 -4.56 23.05
C MET A 177 -24.44 -5.86 22.30
N GLU A 178 -23.21 -6.33 22.47
CA GLU A 178 -22.70 -7.46 21.70
C GLU A 178 -23.35 -8.78 22.10
N SER A 179 -23.24 -9.08 23.40
CA SER A 179 -23.56 -10.40 23.92
C SER A 179 -24.82 -10.98 23.29
N SER A 180 -25.66 -10.08 22.78
CA SER A 180 -26.96 -10.43 22.24
C SER A 180 -26.88 -10.90 20.80
N LEU A 181 -25.67 -11.04 20.29
CA LEU A 181 -25.47 -11.44 18.89
C LEU A 181 -25.32 -12.93 18.69
N ILE A 182 -25.83 -13.36 17.53
CA ILE A 182 -25.70 -14.73 17.01
C ILE A 182 -24.98 -14.84 15.65
N PRO A 183 -23.77 -15.38 15.73
CA PRO A 183 -22.93 -15.60 14.56
C PRO A 183 -23.70 -16.39 13.52
N ALA A 184 -24.33 -17.48 13.95
CA ALA A 184 -25.03 -18.35 13.02
C ALA A 184 -26.03 -17.54 12.21
N ALA A 185 -26.48 -16.43 12.78
CA ALA A 185 -27.57 -15.66 12.20
C ALA A 185 -27.25 -15.32 10.76
N VAL A 186 -25.96 -15.13 10.49
CA VAL A 186 -25.49 -14.60 9.22
C VAL A 186 -25.76 -15.56 8.06
N PHE A 187 -25.62 -16.84 8.35
CA PHE A 187 -26.13 -17.87 7.46
C PHE A 187 -27.63 -18.11 7.55
N MET A 188 -28.18 -18.00 8.76
CA MET A 188 -29.57 -18.34 8.99
C MET A 188 -30.27 -17.29 9.83
N PRO A 189 -30.60 -16.17 9.17
CA PRO A 189 -31.23 -15.00 9.80
C PRO A 189 -32.64 -15.21 10.20
N TRP A 190 -33.23 -16.28 9.71
CA TRP A 190 -34.59 -16.57 10.12
C TRP A 190 -34.59 -16.69 11.65
N LEU A 191 -33.42 -16.97 12.20
CA LEU A 191 -33.19 -16.91 13.62
C LEU A 191 -33.51 -15.51 14.04
N LEU A 192 -33.19 -14.57 13.18
CA LEU A 192 -33.32 -13.19 13.56
C LEU A 192 -34.74 -12.87 13.90
N ARG A 193 -35.70 -13.53 13.29
CA ARG A 193 -37.06 -13.10 13.41
C ARG A 193 -37.42 -13.15 14.85
N LEU A 194 -38.28 -12.24 15.29
CA LEU A 194 -38.53 -12.03 16.72
C LEU A 194 -39.81 -12.63 17.29
N LEU A 196 -33.62 -14.22 22.26
CA LEU A 196 -34.32 -12.96 21.97
C LEU A 196 -34.68 -12.22 23.26
N PRO A 197 -33.97 -12.54 24.35
CA PRO A 197 -34.28 -11.89 25.64
C PRO A 197 -33.35 -10.72 25.97
N GLN A 198 -32.05 -10.90 25.81
CA GLN A 198 -31.09 -9.83 26.08
C GLN A 198 -30.99 -8.96 24.83
N SER A 199 -31.60 -9.45 23.75
CA SER A 199 -31.60 -8.77 22.48
C SER A 199 -32.20 -7.38 22.71
N ALA A 200 -33.08 -7.30 23.70
CA ALA A 200 -33.50 -6.01 24.19
C ALA A 200 -32.27 -5.25 24.64
N ARG A 201 -31.38 -5.96 25.34
CA ARG A 201 -30.29 -5.28 26.02
C ARG A 201 -29.59 -4.45 24.99
N CYS A 202 -29.20 -5.10 23.90
CA CYS A 202 -28.47 -4.41 22.86
C CYS A 202 -29.34 -3.25 22.54
N ARG A 203 -30.65 -3.39 22.60
CA ARG A 203 -31.53 -2.26 22.52
C ARG A 203 -31.30 -1.29 23.66
N GLU A 204 -31.21 -1.82 24.87
CA GLU A 204 -31.12 -0.98 26.02
C GLU A 204 -29.79 -0.31 26.02
N ALA A 205 -28.78 -1.14 25.79
CA ALA A 205 -27.38 -0.76 25.72
C ALA A 205 -27.21 0.39 24.77
N ARG A 206 -27.84 0.26 23.60
CA ARG A 206 -27.77 1.30 22.58
C ARG A 206 -28.55 2.52 23.03
N ALA A 207 -29.83 2.31 23.29
CA ALA A 207 -30.73 3.43 23.50
C ALA A 207 -30.15 4.29 24.61
N GLU A 208 -29.56 3.64 25.60
CA GLU A 208 -28.97 4.34 26.73
C GLU A 208 -27.87 5.27 26.24
N LEU A 209 -26.95 4.69 25.49
CA LEU A 209 -25.87 5.41 24.83
C LEU A 209 -26.38 6.58 23.99
N GLN A 210 -27.31 6.27 23.08
CA GLN A 210 -27.84 7.28 22.17
C GLN A 210 -28.24 8.51 22.96
N LYS A 211 -29.16 8.33 23.91
CA LYS A 211 -29.62 9.42 24.76
C LYS A 211 -28.46 10.20 25.35
N ILE A 212 -27.45 9.47 25.82
CA ILE A 212 -26.27 10.09 26.43
C ILE A 212 -25.71 11.14 25.49
N LEU A 213 -25.60 10.75 24.22
CA LEU A 213 -25.09 11.65 23.19
C LEU A 213 -26.09 12.76 22.88
N GLY A 214 -27.36 12.39 22.74
CA GLY A 214 -28.42 13.35 22.51
C GLY A 214 -28.41 14.42 23.59
N GLU A 215 -28.08 13.99 24.80
CA GLU A 215 -27.86 14.91 25.92
C GLU A 215 -26.57 15.70 25.71
N ILE A 216 -25.51 15.00 25.35
CA ILE A 216 -24.20 15.60 25.19
C ILE A 216 -24.25 16.78 24.23
N ILE A 217 -25.03 16.62 23.16
CA ILE A 217 -25.08 17.63 22.11
C ILE A 217 -25.65 18.92 22.65
N VAL A 218 -26.84 18.83 23.22
CA VAL A 218 -27.50 20.00 23.78
C VAL A 218 -26.49 20.80 24.60
N ALA A 219 -25.59 20.09 25.28
CA ALA A 219 -24.61 20.73 26.15
C ALA A 219 -23.63 21.61 25.37
N ARG A 220 -23.08 21.08 24.29
CA ARG A 220 -22.02 21.76 23.54
C ARG A 220 -22.55 22.87 22.63
N GLU A 221 -23.85 22.84 22.36
CA GLU A 221 -24.47 23.87 21.54
C GLU A 221 -24.58 25.18 22.31
N LYS A 222 -24.75 25.04 23.61
CA LYS A 222 -24.99 26.19 24.49
C LYS A 222 -23.68 26.73 25.06
N GLU A 223 -22.57 26.41 24.40
CA GLU A 223 -21.26 26.97 24.75
C GLU A 223 -20.55 27.50 23.51
N GLU A 224 -21.30 27.67 22.44
CA GLU A 224 -20.77 28.14 21.18
C GLU A 224 -20.73 29.67 21.13
N ALA A 225 -21.73 30.30 21.75
CA ALA A 225 -21.75 31.75 21.90
C ALA A 225 -20.48 32.22 22.60
N SER A 226 -20.14 31.51 23.67
CA SER A 226 -18.87 31.71 24.37
C SER A 226 -17.72 31.39 23.43
N LYS A 227 -17.87 30.31 22.68
CA LYS A 227 -16.74 29.70 21.98
C LYS A 227 -15.92 28.92 23.00
N ASP A 228 -16.56 28.57 24.11
CA ASP A 228 -15.85 28.18 25.32
C ASP A 228 -14.86 27.05 25.03
N ASN A 229 -15.31 26.08 24.26
CA ASN A 229 -14.42 25.02 23.77
C ASN A 229 -14.58 24.78 22.27
N ASN A 230 -13.44 24.70 21.56
CA ASN A 230 -13.44 24.25 20.17
C ASN A 230 -13.23 22.76 20.04
N THR A 231 -14.29 22.00 20.29
CA THR A 231 -14.17 20.56 20.46
C THR A 231 -14.44 19.81 19.15
N SER A 232 -13.38 19.25 18.59
CA SER A 232 -13.45 18.46 17.37
C SER A 232 -13.07 17.01 17.62
N ASP A 233 -13.88 16.32 18.42
CA ASP A 233 -13.71 14.88 18.58
C ASP A 233 -14.56 14.16 17.53
N LEU A 234 -14.43 12.84 17.50
CA LEU A 234 -15.11 12.06 16.48
C LEU A 234 -16.57 12.48 16.39
N LEU A 235 -17.22 12.58 17.54
CA LEU A 235 -18.61 13.01 17.59
C LEU A 235 -18.77 14.37 16.94
N GLY A 236 -17.83 15.26 17.21
CA GLY A 236 -17.82 16.58 16.61
C GLY A 236 -17.90 16.51 15.10
N GLY A 237 -16.87 15.93 14.49
CA GLY A 237 -16.82 15.75 13.04
C GLY A 237 -18.12 15.21 12.46
N LEU A 238 -18.63 14.13 13.06
CA LEU A 238 -19.84 13.47 12.59
C LEU A 238 -21.04 14.42 12.49
N LEU A 239 -21.16 15.34 13.44
CA LEU A 239 -22.28 16.27 13.51
C LEU A 239 -22.17 17.37 12.44
N LYS A 240 -20.94 17.69 12.06
CA LYS A 240 -20.66 18.70 11.04
C LYS A 240 -20.85 18.18 9.62
N ALA A 241 -20.83 16.87 9.47
CA ALA A 241 -20.94 16.24 8.16
C ALA A 241 -22.31 16.48 7.53
N VAL A 242 -22.34 16.57 6.21
CA VAL A 242 -23.57 16.77 5.46
C VAL A 242 -23.68 15.77 4.31
N TYR A 243 -24.80 15.08 4.23
CA TYR A 243 -25.07 14.23 3.07
C TYR A 243 -25.14 15.11 1.84
N ARG A 244 -25.01 14.52 0.65
CA ARG A 244 -25.11 15.32 -0.56
C ARG A 244 -26.41 16.07 -0.48
N ASP A 245 -27.48 15.30 -0.30
CA ASP A 245 -28.83 15.81 -0.52
C ASP A 245 -29.08 16.99 0.43
N GLY A 246 -28.04 17.36 1.18
CA GLY A 246 -28.05 18.59 1.96
C GLY A 246 -28.55 18.36 3.38
N THR A 247 -28.87 17.09 3.67
CA THR A 247 -29.38 16.71 4.97
C THR A 247 -28.21 16.45 5.91
N ARG A 248 -28.54 16.13 7.16
CA ARG A 248 -27.55 15.66 8.11
C ARG A 248 -27.92 14.35 8.76
N MET A 249 -27.03 13.90 9.64
CA MET A 249 -27.24 12.66 10.37
C MET A 249 -28.12 12.91 11.58
N SER A 250 -29.25 12.21 11.61
CA SER A 250 -30.09 12.13 12.80
C SER A 250 -29.29 11.52 13.95
N LEU A 251 -29.70 11.84 15.17
CA LEU A 251 -29.01 11.33 16.35
C LEU A 251 -28.70 9.84 16.15
N HIS A 252 -29.73 9.11 15.74
CA HIS A 252 -29.66 7.66 15.61
C HIS A 252 -28.52 7.21 14.70
N GLU A 253 -28.29 7.98 13.63
CA GLU A 253 -27.25 7.63 12.66
C GLU A 253 -25.88 7.97 13.23
N VAL A 254 -25.83 9.08 13.96
CA VAL A 254 -24.59 9.51 14.61
C VAL A 254 -24.19 8.49 15.68
N CYS A 255 -25.13 8.15 16.55
CA CYS A 255 -24.88 7.12 17.54
C CYS A 255 -24.40 5.87 16.83
N GLY A 256 -25.15 5.48 15.81
CA GLY A 256 -24.79 4.30 15.03
C GLY A 256 -23.33 4.35 14.67
N MET A 257 -22.92 5.41 13.97
CA MET A 257 -21.59 5.48 13.38
C MET A 257 -20.46 5.47 14.41
N ILE A 258 -20.72 5.96 15.60
CA ILE A 258 -19.72 5.93 16.66
C ILE A 258 -19.65 4.54 17.27
N VAL A 259 -20.83 3.98 17.52
CA VAL A 259 -20.93 2.63 18.04
C VAL A 259 -20.13 1.72 17.12
N ALA A 260 -20.49 1.75 15.84
CA ALA A 260 -19.75 1.01 14.83
C ALA A 260 -18.26 1.19 15.04
N ALA A 261 -17.84 2.45 15.11
CA ALA A 261 -16.43 2.80 15.15
C ALA A 261 -15.76 2.05 16.29
N MET A 262 -16.29 2.26 17.49
CA MET A 262 -15.69 1.73 18.71
C MET A 262 -15.78 0.21 18.84
N PHE A 263 -16.97 -0.33 18.57
CA PHE A 263 -17.12 -1.78 18.53
C PHE A 263 -16.12 -2.36 17.56
N ALA A 264 -15.98 -1.70 16.41
CA ALA A 264 -14.99 -2.09 15.40
C ALA A 264 -13.60 -2.26 15.99
N GLY A 265 -13.10 -1.18 16.59
CA GLY A 265 -11.75 -1.17 17.12
C GLY A 265 -11.52 -2.13 18.26
N GLN A 266 -12.56 -2.36 19.03
CA GLN A 266 -12.39 -2.82 20.38
C GLN A 266 -11.66 -4.14 20.42
N HIS A 267 -12.19 -5.11 19.69
CA HIS A 267 -11.72 -6.47 19.86
C HIS A 267 -10.56 -6.74 18.93
N THR A 268 -10.71 -6.24 17.72
CA THR A 268 -9.74 -6.48 16.69
C THR A 268 -8.41 -5.96 17.18
N SER A 269 -8.48 -4.74 17.70
CA SER A 269 -7.30 -4.04 18.16
C SER A 269 -6.68 -4.64 19.40
N THR A 270 -7.50 -4.99 20.39
CA THR A 270 -6.93 -5.56 21.60
C THR A 270 -6.29 -6.90 21.29
N ILE A 271 -6.92 -7.68 20.40
CA ILE A 271 -6.38 -8.98 20.01
C ILE A 271 -5.05 -8.85 19.29
N THR A 272 -4.99 -7.92 18.33
CA THR A 272 -3.74 -7.72 17.63
C THR A 272 -2.65 -7.28 18.60
N THR A 273 -3.01 -6.38 19.52
CA THR A 273 -2.04 -5.95 20.51
C THR A 273 -1.56 -7.16 21.30
N SER A 274 -2.50 -8.04 21.61
CA SER A 274 -2.22 -9.20 22.46
C SER A 274 -1.28 -10.19 21.77
N TRP A 275 -1.56 -10.56 20.53
CA TRP A 275 -0.70 -11.51 19.81
C TRP A 275 0.71 -10.94 19.62
N SER A 276 0.79 -9.65 19.31
CA SER A 276 2.07 -9.01 19.04
C SER A 276 2.98 -9.05 20.26
N MET A 277 2.43 -8.70 21.42
CA MET A 277 3.20 -8.68 22.65
C MET A 277 3.60 -10.11 23.01
N LEU A 278 2.61 -11.00 22.97
CA LEU A 278 2.81 -12.42 23.18
C LEU A 278 4.02 -12.92 22.41
N HIS A 279 3.92 -12.85 21.08
CA HIS A 279 5.01 -13.29 20.21
C HIS A 279 6.33 -12.72 20.70
N LEU A 280 6.45 -11.39 20.68
CA LEU A 280 7.69 -10.73 21.03
C LEU A 280 8.26 -11.25 22.36
N MET A 281 7.38 -11.43 23.34
CA MET A 281 7.79 -11.79 24.70
C MET A 281 8.15 -13.26 24.83
N HIS A 282 8.02 -14.00 23.73
CA HIS A 282 8.48 -15.39 23.68
C HIS A 282 10.01 -15.40 23.58
N PRO A 283 10.64 -16.46 24.11
CA PRO A 283 12.11 -16.54 24.11
C PRO A 283 12.67 -16.74 22.71
N LYS A 284 12.00 -17.59 21.94
CA LYS A 284 12.44 -17.90 20.59
C LYS A 284 12.56 -16.63 19.75
N ASN A 285 11.79 -15.61 20.13
CA ASN A 285 11.73 -14.38 19.37
C ASN A 285 12.66 -13.28 19.91
N LYS A 286 13.65 -13.70 20.70
CA LYS A 286 14.55 -12.75 21.36
C LYS A 286 15.10 -11.75 20.35
N LYS A 287 15.67 -12.26 19.27
CA LYS A 287 16.23 -11.41 18.23
C LYS A 287 15.20 -10.40 17.73
N TRP A 288 13.97 -10.86 17.58
CA TRP A 288 12.89 -9.97 17.15
C TRP A 288 12.60 -8.92 18.23
N LEU A 289 12.70 -9.33 19.48
CA LEU A 289 12.63 -8.39 20.60
C LEU A 289 13.84 -7.45 20.57
N ASP A 290 15.02 -8.02 20.44
CA ASP A 290 16.26 -7.26 20.34
C ASP A 290 16.14 -6.21 19.25
N LYS A 291 15.58 -6.61 18.11
CA LYS A 291 15.47 -5.71 16.96
C LYS A 291 14.49 -4.58 17.30
N LEU A 292 13.32 -4.95 17.80
CA LEU A 292 12.34 -3.96 18.26
C LEU A 292 13.00 -2.86 19.07
N HIS A 293 13.85 -3.27 20.01
CA HIS A 293 14.50 -2.32 20.92
C HIS A 293 15.35 -1.32 20.15
N LYS A 294 16.24 -1.82 19.28
CA LYS A 294 17.10 -0.94 18.49
C LYS A 294 16.29 0.10 17.72
N GLU A 295 14.97 0.02 17.80
CA GLU A 295 14.10 0.97 17.08
C GLU A 295 13.35 1.93 17.99
N ILE A 296 13.21 1.60 19.27
CA ILE A 296 12.45 2.44 20.20
C ILE A 296 13.30 2.95 21.35
N ASP A 297 14.56 2.55 21.38
CA ASP A 297 15.46 2.90 22.46
C ASP A 297 15.91 4.35 22.37
N GLU A 298 15.99 4.86 21.13
CA GLU A 298 16.48 6.21 20.90
C GLU A 298 15.31 7.17 20.71
N PHE A 299 14.17 6.80 21.27
CA PHE A 299 13.02 7.69 21.32
C PHE A 299 13.00 8.42 22.65
N PRO A 300 12.50 9.66 22.63
CA PRO A 300 12.18 10.33 23.87
C PRO A 300 11.03 9.60 24.53
N ALA A 301 10.99 9.65 25.86
CA ALA A 301 9.91 9.02 26.60
C ALA A 301 8.58 9.46 26.02
N GLN A 302 8.39 10.78 26.00
CA GLN A 302 7.25 11.36 25.30
C GLN A 302 7.41 11.09 23.82
N LEU A 303 6.43 10.43 23.24
CA LEU A 303 6.48 10.13 21.82
C LEU A 303 5.48 10.98 21.06
N ASN A 304 5.94 11.36 19.87
CA ASN A 304 5.05 11.95 18.90
C ASN A 304 4.88 11.06 17.69
N TYR A 305 4.10 11.63 16.79
CA TYR A 305 3.72 10.99 15.56
C TYR A 305 4.96 10.48 14.87
N ASP A 306 5.91 11.37 14.63
CA ASP A 306 7.05 11.04 13.79
C ASP A 306 7.83 9.90 14.40
N ASN A 307 7.62 9.68 15.69
CA ASN A 307 8.12 8.48 16.33
C ASN A 307 7.38 7.26 15.82
N VAL A 308 6.07 7.38 15.64
CA VAL A 308 5.24 6.20 15.44
C VAL A 308 5.16 5.73 13.99
N MET A 309 4.42 6.42 13.14
CA MET A 309 4.23 5.90 11.79
C MET A 309 5.56 5.79 11.07
N ASP A 310 6.25 6.93 11.01
CA ASP A 310 7.37 7.08 10.09
C ASP A 310 8.59 6.35 10.60
N GLU A 311 8.67 6.16 11.91
CA GLU A 311 9.92 5.72 12.54
C GLU A 311 9.86 4.35 13.21
N MET A 312 8.78 3.63 12.99
CA MET A 312 8.62 2.27 13.53
C MET A 312 8.17 1.32 12.42
N PRO A 313 9.00 1.15 11.39
CA PRO A 313 8.61 0.26 10.30
C PRO A 313 8.63 -1.20 10.74
N PHE A 314 9.61 -1.54 11.56
CA PHE A 314 9.76 -2.92 12.03
C PHE A 314 8.61 -3.33 12.94
N ALA A 315 8.33 -2.48 13.92
CA ALA A 315 7.30 -2.80 14.89
C ALA A 315 5.99 -3.04 14.13
N GLU A 316 5.72 -2.17 13.17
CA GLU A 316 4.59 -2.34 12.26
C GLU A 316 4.63 -3.67 11.51
N ARG A 317 5.85 -4.17 11.24
CA ARG A 317 5.99 -5.48 10.61
C ARG A 317 5.46 -6.54 11.57
N CYS A 318 5.85 -6.42 12.83
CA CYS A 318 5.40 -7.34 13.86
C CYS A 318 3.88 -7.37 13.94
N VAL A 319 3.27 -6.18 13.94
CA VAL A 319 1.82 -6.13 14.10
C VAL A 319 1.18 -6.86 12.93
N ARG A 320 1.56 -6.46 11.72
CA ARG A 320 0.98 -7.04 10.51
C ARG A 320 1.21 -8.55 10.49
N GLU A 321 2.44 -8.97 10.70
CA GLU A 321 2.75 -10.40 10.73
C GLU A 321 1.83 -11.12 11.71
N SER A 322 1.50 -10.47 12.81
CA SER A 322 0.64 -11.08 13.82
C SER A 322 -0.80 -11.14 13.34
N ILE A 323 -1.23 -10.12 12.61
CA ILE A 323 -2.53 -10.16 11.94
C ILE A 323 -2.52 -11.20 10.80
N ARG A 324 -1.33 -11.44 10.26
CA ARG A 324 -1.15 -12.45 9.22
C ARG A 324 -1.39 -13.85 9.78
N ARG A 325 -0.67 -14.18 10.83
CA ARG A 325 -0.78 -15.49 11.47
C ARG A 325 -2.18 -15.76 12.00
N ASP A 326 -2.72 -14.82 12.77
CA ASP A 326 -3.98 -15.06 13.48
C ASP A 326 -4.98 -13.92 13.23
N PRO A 327 -5.44 -13.82 11.96
CA PRO A 327 -6.40 -12.80 11.56
C PRO A 327 -7.59 -12.82 12.50
N PRO A 328 -7.82 -11.70 13.19
CA PRO A 328 -8.93 -11.59 14.12
C PRO A 328 -10.25 -11.90 13.41
N LEU A 329 -10.43 -11.33 12.22
CA LEU A 329 -11.59 -11.67 11.40
C LEU A 329 -11.24 -12.78 10.43
N LEU A 330 -11.88 -13.94 10.61
CA LEU A 330 -11.52 -15.12 9.84
C LEU A 330 -12.01 -15.01 8.40
N MET A 331 -13.12 -14.32 8.23
CA MET A 331 -13.88 -14.41 6.99
C MET A 331 -14.45 -13.05 6.61
N VAL A 332 -14.22 -12.68 5.35
CA VAL A 332 -15.02 -11.65 4.70
C VAL A 332 -16.05 -12.30 3.79
N MET A 333 -17.29 -11.81 3.84
CA MET A 333 -18.39 -12.50 3.19
C MET A 333 -19.32 -11.57 2.41
N ARG A 334 -19.88 -12.07 1.31
CA ARG A 334 -20.91 -11.32 0.63
C ARG A 334 -22.04 -12.20 0.11
N MET A 335 -23.11 -11.53 -0.26
CA MET A 335 -24.25 -12.17 -0.88
C MET A 335 -24.14 -12.07 -2.39
N VAL A 336 -23.91 -13.21 -3.04
CA VAL A 336 -23.78 -13.20 -4.47
C VAL A 336 -25.15 -12.93 -5.04
N LYS A 337 -25.32 -11.71 -5.55
CA LYS A 337 -26.60 -11.31 -6.08
C LYS A 337 -26.65 -11.49 -7.59
N ALA A 338 -25.51 -11.85 -8.15
CA ALA A 338 -25.42 -12.25 -9.54
C ALA A 338 -24.15 -13.07 -9.79
N GLU A 339 -24.21 -13.94 -10.78
CA GLU A 339 -23.09 -14.82 -11.12
C GLU A 339 -21.77 -14.05 -11.15
N VAL A 340 -20.71 -14.66 -10.63
CA VAL A 340 -19.38 -14.08 -10.74
C VAL A 340 -18.31 -15.11 -11.07
N LYS A 341 -17.43 -14.76 -11.98
CA LYS A 341 -16.30 -15.62 -12.30
C LYS A 341 -15.36 -15.59 -11.12
N VAL A 342 -14.90 -16.77 -10.70
CA VAL A 342 -13.80 -16.87 -9.75
C VAL A 342 -12.86 -18.00 -10.14
N GLY A 343 -11.78 -17.65 -10.83
CA GLY A 343 -10.89 -18.67 -11.39
C GLY A 343 -11.56 -19.38 -12.53
N SER A 344 -11.41 -20.71 -12.59
CA SER A 344 -12.07 -21.47 -13.64
C SER A 344 -13.49 -21.85 -13.21
N TYR A 345 -13.98 -21.24 -12.13
CA TYR A 345 -15.35 -21.51 -11.66
C TYR A 345 -16.29 -20.32 -11.81
N VAL A 346 -17.58 -20.64 -11.84
CA VAL A 346 -18.63 -19.65 -11.69
C VAL A 346 -19.28 -19.85 -10.33
N VAL A 347 -19.97 -18.81 -9.86
CA VAL A 347 -20.54 -18.80 -8.53
C VAL A 347 -21.94 -18.22 -8.52
N PRO A 348 -22.93 -19.07 -8.25
CA PRO A 348 -24.33 -18.82 -8.59
C PRO A 348 -25.00 -17.76 -7.73
N LYS A 349 -25.78 -16.91 -8.38
CA LYS A 349 -26.67 -15.99 -7.69
C LYS A 349 -27.39 -16.73 -6.56
N GLY A 350 -27.23 -16.22 -5.35
CA GLY A 350 -27.87 -16.79 -4.17
C GLY A 350 -26.88 -17.43 -3.22
N ASP A 351 -25.69 -17.76 -3.73
CA ASP A 351 -24.65 -18.33 -2.90
C ASP A 351 -24.19 -17.34 -1.83
N ILE A 352 -23.34 -17.82 -0.94
CA ILE A 352 -22.59 -16.92 -0.10
C ILE A 352 -21.12 -17.06 -0.45
N ILE A 353 -20.54 -15.94 -0.86
CA ILE A 353 -19.13 -15.95 -1.22
C ILE A 353 -18.36 -15.30 -0.09
N ALA A 354 -17.25 -15.94 0.23
CA ALA A 354 -16.41 -15.46 1.30
C ALA A 354 -14.99 -15.49 0.79
N CYS A 355 -14.17 -14.65 1.42
CA CYS A 355 -12.74 -14.74 1.30
C CYS A 355 -12.12 -14.67 2.70
N SER A 356 -11.20 -15.58 2.98
CA SER A 356 -10.79 -15.87 4.35
C SER A 356 -9.33 -15.53 4.57
N PRO A 357 -9.07 -14.37 5.20
CA PRO A 357 -7.78 -14.05 5.77
C PRO A 357 -7.14 -15.27 6.43
N LEU A 358 -7.96 -16.02 7.14
CA LEU A 358 -7.48 -17.17 7.89
C LEU A 358 -6.93 -18.23 6.96
N LEU A 359 -7.71 -18.56 5.92
CA LEU A 359 -7.26 -19.55 4.95
C LEU A 359 -6.04 -19.01 4.20
N SER A 360 -6.21 -17.82 3.65
CA SER A 360 -5.26 -17.27 2.69
C SER A 360 -3.90 -17.05 3.33
N HIS A 361 -3.89 -16.62 4.59
CA HIS A 361 -2.63 -16.40 5.30
C HIS A 361 -1.89 -17.71 5.57
N HIS A 362 -2.51 -18.84 5.28
CA HIS A 362 -1.87 -20.14 5.47
C HIS A 362 -1.69 -20.94 4.19
N ASP A 363 -2.03 -20.34 3.06
CA ASP A 363 -1.61 -20.86 1.75
C ASP A 363 -0.09 -20.96 1.75
N GLU A 364 0.44 -22.12 1.36
CA GLU A 364 1.87 -22.40 1.48
C GLU A 364 2.69 -21.62 0.45
N GLU A 365 2.15 -21.44 -0.76
CA GLU A 365 2.83 -20.67 -1.81
C GLU A 365 3.07 -19.24 -1.31
N ALA A 366 2.03 -18.67 -0.71
CA ALA A 366 2.04 -17.26 -0.31
C ALA A 366 2.75 -17.02 1.02
N PHE A 367 2.79 -18.05 1.87
CA PHE A 367 3.38 -17.91 3.19
C PHE A 367 3.94 -19.25 3.66
N PRO A 368 5.19 -19.53 3.29
CA PRO A 368 5.83 -20.76 3.72
C PRO A 368 5.77 -20.81 5.23
N ASN A 369 5.56 -21.99 5.78
CA ASN A 369 5.53 -22.15 7.23
C ASN A 369 4.54 -21.21 7.89
N PRO A 370 3.25 -21.28 7.49
CA PRO A 370 2.40 -20.18 7.93
C PRO A 370 2.24 -20.01 9.45
N ARG A 371 2.42 -21.08 10.22
CA ARG A 371 2.35 -20.99 11.68
C ARG A 371 3.53 -20.24 12.28
N LEU A 372 4.65 -20.23 11.57
CA LEU A 372 5.79 -19.44 11.99
C LEU A 372 5.46 -17.95 11.90
N TRP A 373 5.56 -17.27 13.04
CA TRP A 373 5.52 -15.82 13.08
C TRP A 373 6.87 -15.26 12.67
N ASP A 374 6.92 -14.69 11.47
CA ASP A 374 8.13 -14.04 10.97
C ASP A 374 7.74 -12.70 10.39
N PRO A 375 7.90 -11.63 11.19
CA PRO A 375 7.54 -10.28 10.77
C PRO A 375 8.37 -9.83 9.58
N GLU A 376 9.50 -10.49 9.35
CA GLU A 376 10.37 -10.09 8.25
C GLU A 376 10.00 -10.81 6.96
N ARG A 377 9.12 -11.79 7.06
CA ARG A 377 8.64 -12.51 5.88
C ARG A 377 7.89 -11.54 4.97
N ASP A 378 7.74 -11.92 3.71
CA ASP A 378 6.89 -11.14 2.82
C ASP A 378 5.98 -12.02 1.98
N GLU A 379 4.71 -11.64 1.91
CA GLU A 379 3.75 -12.39 1.12
C GLU A 379 4.39 -12.68 -0.24
N LYS A 380 4.68 -13.94 -0.52
CA LYS A 380 5.30 -14.29 -1.79
C LYS A 380 4.39 -13.89 -2.94
N VAL A 381 3.10 -13.83 -2.63
CA VAL A 381 2.03 -13.81 -3.62
C VAL A 381 1.31 -12.48 -3.45
N ASP A 382 1.37 -11.63 -4.46
CA ASP A 382 0.85 -10.28 -4.29
C ASP A 382 -0.65 -10.27 -4.00
N GLY A 383 -0.99 -9.61 -2.90
CA GLY A 383 -2.39 -9.42 -2.51
C GLY A 383 -2.85 -10.51 -1.58
N ALA A 384 -1.94 -11.42 -1.23
CA ALA A 384 -2.26 -12.51 -0.34
C ALA A 384 -2.79 -11.98 0.99
N PHE A 385 -1.95 -11.27 1.75
CA PHE A 385 -2.38 -10.71 3.03
C PHE A 385 -3.65 -9.87 2.90
N ILE A 386 -4.70 -10.25 3.63
CA ILE A 386 -5.99 -9.55 3.65
C ILE A 386 -6.46 -9.23 5.07
N GLY A 387 -5.51 -9.18 5.99
CA GLY A 387 -5.80 -8.81 7.37
C GLY A 387 -6.81 -7.68 7.48
N PHE A 388 -6.73 -6.72 6.58
CA PHE A 388 -7.59 -5.53 6.65
C PHE A 388 -8.60 -5.49 5.52
N GLY A 389 -8.86 -6.65 4.92
CA GLY A 389 -9.69 -6.70 3.73
C GLY A 389 -8.94 -6.10 2.56
N ALA A 390 -9.71 -5.70 1.56
CA ALA A 390 -9.19 -5.06 0.36
C ALA A 390 -10.32 -4.44 -0.45
N GLY A 391 -9.90 -3.74 -1.50
CA GLY A 391 -10.81 -3.11 -2.45
C GLY A 391 -11.65 -2.04 -1.81
N VAL A 392 -12.92 -1.96 -2.17
CA VAL A 392 -13.74 -0.82 -1.75
C VAL A 392 -13.91 -0.76 -0.25
N HIS A 393 -14.16 -1.91 0.35
CA HIS A 393 -14.55 -1.97 1.74
C HIS A 393 -13.33 -2.20 2.60
N LYS A 394 -12.16 -1.92 2.07
CA LYS A 394 -11.01 -2.17 2.92
C LYS A 394 -11.12 -1.28 4.15
N CYS A 395 -10.47 -1.74 5.20
CA CYS A 395 -10.65 -1.19 6.52
C CYS A 395 -10.09 0.22 6.61
N ILE A 396 -10.96 1.14 6.99
CA ILE A 396 -10.57 2.52 7.28
C ILE A 396 -9.87 2.66 8.61
N GLY A 397 -10.28 1.84 9.57
CA GLY A 397 -9.69 1.92 10.90
C GLY A 397 -8.25 1.47 10.86
N GLN A 398 -7.73 1.23 9.67
CA GLN A 398 -6.46 0.53 9.54
C GLN A 398 -5.30 1.30 10.17
N LYS A 399 -5.10 2.53 9.72
CA LYS A 399 -4.00 3.38 10.19
C LYS A 399 -4.11 3.63 11.70
N PHE A 400 -5.32 3.88 12.16
CA PHE A 400 -5.53 4.31 13.54
C PHE A 400 -5.15 3.17 14.48
N ALA A 401 -5.59 1.97 14.13
CA ALA A 401 -5.32 0.79 14.93
C ALA A 401 -3.81 0.54 15.00
N LEU A 402 -3.16 0.58 13.85
CA LEU A 402 -1.70 0.48 13.81
C LEU A 402 -1.05 1.52 14.72
N LEU A 403 -1.67 2.68 14.80
CA LEU A 403 -1.19 3.76 15.66
C LEU A 403 -1.21 3.34 17.12
N GLN A 404 -2.36 2.87 17.55
CA GLN A 404 -2.54 2.38 18.91
C GLN A 404 -1.55 1.26 19.26
N VAL A 405 -1.67 0.15 18.55
CA VAL A 405 -0.89 -1.03 18.89
C VAL A 405 0.58 -0.68 19.01
N LYS A 406 1.06 0.03 18.00
CA LYS A 406 2.48 0.31 17.86
C LYS A 406 2.88 1.20 19.02
N THR A 407 2.08 2.24 19.23
CA THR A 407 2.28 3.15 20.35
C THR A 407 2.37 2.35 21.64
N ILE A 408 1.28 1.64 21.96
CA ILE A 408 1.24 0.76 23.12
C ILE A 408 2.43 -0.19 23.21
N LEU A 409 2.72 -0.88 22.11
CA LEU A 409 3.87 -1.78 22.06
C LEU A 409 5.09 -1.03 22.60
N ALA A 410 5.22 0.21 22.15
CA ALA A 410 6.40 1.03 22.41
C ALA A 410 6.53 1.33 23.90
N THR A 411 5.50 1.99 24.41
CA THR A 411 5.39 2.34 25.82
C THR A 411 5.63 1.11 26.70
N ALA A 412 4.91 0.05 26.38
CA ALA A 412 4.94 -1.17 27.19
C ALA A 412 6.37 -1.70 27.32
N PHE A 413 6.95 -2.12 26.20
CA PHE A 413 8.25 -2.78 26.20
C PHE A 413 9.39 -1.85 26.58
N ARG A 414 9.13 -0.55 26.52
CA ARG A 414 10.10 0.45 26.93
C ARG A 414 10.21 0.50 28.45
N GLU A 415 9.07 0.47 29.12
CA GLU A 415 8.99 0.66 30.57
C GLU A 415 8.72 -0.65 31.30
N TYR A 416 8.93 -1.78 30.62
CA TYR A 416 8.65 -3.07 31.23
C TYR A 416 9.32 -4.21 30.49
N ASP A 417 9.50 -5.31 31.22
CA ASP A 417 9.78 -6.60 30.61
C ASP A 417 8.61 -7.55 30.80
N PHE A 418 8.71 -8.70 30.17
CA PHE A 418 7.58 -9.61 30.12
C PHE A 418 8.05 -11.05 29.99
N GLN A 419 7.16 -11.97 30.37
CA GLN A 419 7.44 -13.39 30.29
C GLN A 419 6.14 -14.17 30.16
N LEU A 420 6.09 -15.06 29.20
CA LEU A 420 4.93 -15.88 28.99
C LEU A 420 4.96 -16.91 30.07
N LEU A 421 3.84 -17.07 30.77
CA LEU A 421 3.68 -18.15 31.73
C LEU A 421 3.06 -19.32 31.04
N ARG A 422 3.81 -19.86 30.08
CA ARG A 422 3.42 -20.99 29.25
C ARG A 422 4.62 -21.32 28.38
N ASP A 423 4.70 -22.56 27.92
CA ASP A 423 5.82 -22.96 27.07
C ASP A 423 5.66 -22.38 25.66
N GLU A 424 4.42 -22.32 25.19
CA GLU A 424 4.14 -21.85 23.85
C GLU A 424 3.04 -20.81 23.81
N VAL A 425 3.17 -19.89 22.86
CA VAL A 425 2.17 -18.86 22.59
C VAL A 425 0.76 -19.45 22.44
N PRO A 426 -0.23 -18.82 23.08
CA PRO A 426 -1.60 -19.31 23.11
C PRO A 426 -2.10 -19.84 21.77
N ASP A 427 -2.85 -20.94 21.85
CA ASP A 427 -3.71 -21.37 20.76
C ASP A 427 -4.74 -20.28 20.43
N PRO A 428 -5.01 -20.08 19.14
CA PRO A 428 -6.16 -19.21 18.88
C PRO A 428 -7.44 -19.82 19.45
N ASP A 429 -8.41 -18.96 19.72
CA ASP A 429 -9.70 -19.40 20.23
C ASP A 429 -10.75 -19.02 19.21
N TYR A 430 -11.11 -19.97 18.35
CA TYR A 430 -11.91 -19.67 17.17
C TYR A 430 -13.39 -19.63 17.53
N HIS A 431 -13.68 -19.64 18.82
CA HIS A 431 -15.05 -19.78 19.29
C HIS A 431 -15.67 -18.42 19.58
N THR A 432 -14.86 -17.38 19.48
CA THR A 432 -15.35 -16.01 19.52
C THR A 432 -15.61 -15.53 18.10
N MET A 433 -16.54 -14.60 17.94
CA MET A 433 -16.92 -13.99 16.67
C MET A 433 -15.73 -13.26 16.11
N VAL A 434 -14.97 -12.60 16.98
CA VAL A 434 -13.67 -12.02 16.65
C VAL A 434 -12.53 -12.77 17.35
N VAL A 435 -11.72 -13.46 16.56
CA VAL A 435 -10.85 -14.49 17.09
C VAL A 435 -9.55 -13.94 17.67
N GLY A 436 -9.28 -14.30 18.91
CA GLY A 436 -8.09 -13.82 19.61
C GLY A 436 -7.23 -14.97 20.08
N PRO A 437 -6.20 -14.68 20.90
CA PRO A 437 -5.55 -15.77 21.61
C PRO A 437 -6.39 -16.19 22.80
N THR A 438 -6.22 -17.44 23.23
CA THR A 438 -7.12 -18.07 24.21
C THR A 438 -7.03 -17.39 25.58
N LEU A 439 -8.13 -16.77 25.99
CA LEU A 439 -8.15 -15.85 27.12
C LEU A 439 -7.48 -16.43 28.38
N ASN A 440 -7.90 -17.61 28.79
CA ASN A 440 -7.31 -18.27 29.97
C ASN A 440 -5.90 -18.80 29.73
N GLN A 441 -5.29 -18.43 28.61
CA GLN A 441 -3.89 -18.74 28.34
C GLN A 441 -3.01 -17.49 28.26
N CYS A 442 -3.61 -16.32 28.48
CA CYS A 442 -2.93 -15.06 28.28
C CYS A 442 -2.32 -14.48 29.56
N LEU A 443 -2.27 -15.28 30.62
CA LEU A 443 -1.63 -14.83 31.86
C LEU A 443 -0.13 -14.63 31.61
N VAL A 444 0.37 -13.47 32.01
CA VAL A 444 1.77 -13.10 31.81
C VAL A 444 2.38 -12.45 33.04
N LYS A 445 3.70 -12.54 33.17
CA LYS A 445 4.40 -11.95 34.30
C LYS A 445 5.21 -10.71 33.91
N TYR A 446 4.77 -9.54 34.37
CA TYR A 446 5.41 -8.29 34.01
C TYR A 446 6.47 -7.86 35.02
N THR A 447 7.71 -7.77 34.52
CA THR A 447 8.82 -7.28 35.33
C THR A 447 9.10 -5.82 34.98
N ARG A 448 8.78 -4.92 35.91
CA ARG A 448 9.08 -3.51 35.74
C ARG A 448 10.56 -3.33 35.42
N LYS A 449 10.92 -2.15 34.92
CA LYS A 449 12.29 -1.84 34.57
C LYS A 449 12.79 -0.67 35.39
N LYS A 450 14.11 -0.59 35.50
CA LYS A 450 14.79 0.54 36.13
C LYS A 450 16.26 0.45 35.78
N LYS A 451 16.97 1.57 35.94
CA LYS A 451 18.41 1.57 35.71
C LYS A 451 19.15 2.07 36.95
N ALA B 1 -6.31 -26.86 -19.83
CA ALA B 1 -6.49 -27.75 -21.02
C ALA B 1 -5.17 -27.98 -21.77
N LYS B 2 -4.07 -27.72 -21.08
CA LYS B 2 -2.72 -27.89 -21.64
C LYS B 2 -2.35 -26.74 -22.56
N LYS B 3 -3.21 -25.72 -22.56
CA LYS B 3 -3.26 -24.72 -23.61
C LYS B 3 -2.33 -23.55 -23.29
N THR B 4 -1.50 -23.15 -24.26
CA THR B 4 -0.87 -21.84 -24.19
C THR B 4 -1.87 -20.79 -24.63
N PRO B 5 -1.50 -19.52 -24.44
CA PRO B 5 -2.36 -18.38 -24.73
C PRO B 5 -2.54 -18.18 -26.23
N PRO B 6 -3.68 -17.61 -26.62
CA PRO B 6 -3.90 -17.35 -28.04
C PRO B 6 -2.82 -16.42 -28.60
N VAL B 7 -2.20 -16.86 -29.70
CA VAL B 7 -1.19 -16.04 -30.37
C VAL B 7 -1.84 -15.15 -31.40
N TYR B 8 -1.26 -13.96 -31.57
CA TYR B 8 -1.81 -13.02 -32.52
C TYR B 8 -1.20 -13.25 -33.90
N PRO B 9 -2.05 -13.33 -34.94
CA PRO B 9 -1.61 -13.75 -36.25
C PRO B 9 -0.48 -12.90 -36.78
N VAL B 10 0.60 -13.57 -37.17
CA VAL B 10 1.70 -12.89 -37.82
C VAL B 10 1.50 -12.94 -39.33
N THR B 11 1.50 -11.75 -39.94
CA THR B 11 1.32 -11.62 -41.39
C THR B 11 2.68 -11.72 -42.09
N VAL B 12 3.71 -11.19 -41.45
CA VAL B 12 5.05 -11.21 -42.00
C VAL B 12 6.02 -11.78 -40.97
N PRO B 13 6.24 -13.09 -41.03
CA PRO B 13 7.05 -13.69 -39.98
C PRO B 13 8.43 -13.06 -39.96
N PHE B 14 9.13 -13.16 -38.83
CA PHE B 14 10.51 -12.69 -38.75
C PHE B 14 10.52 -11.17 -38.61
N LEU B 15 9.34 -10.56 -38.75
CA LEU B 15 9.10 -9.19 -38.29
C LEU B 15 8.17 -9.22 -37.09
N GLY B 16 7.55 -10.37 -36.87
CA GLY B 16 6.49 -10.50 -35.88
C GLY B 16 5.53 -9.34 -36.00
N HIS B 17 5.24 -8.72 -34.85
CA HIS B 17 4.31 -7.60 -34.78
C HIS B 17 5.08 -6.34 -34.46
N ILE B 18 6.33 -6.32 -34.86
CA ILE B 18 7.24 -5.29 -34.36
C ILE B 18 6.79 -3.90 -34.78
N VAL B 19 6.12 -3.81 -35.92
CA VAL B 19 5.73 -2.52 -36.46
C VAL B 19 4.52 -1.97 -35.73
N GLN B 20 3.44 -2.75 -35.72
CA GLN B 20 2.16 -2.25 -35.20
C GLN B 20 2.32 -1.97 -33.72
N PHE B 21 3.10 -2.83 -33.07
CA PHE B 21 3.45 -2.68 -31.67
C PHE B 21 4.34 -1.45 -31.47
N GLY B 22 5.39 -1.37 -32.28
CA GLY B 22 6.37 -0.30 -32.14
C GLY B 22 5.71 1.04 -32.38
N LYS B 23 4.80 1.04 -33.35
CA LYS B 23 4.17 2.25 -33.83
C LYS B 23 3.24 2.87 -32.79
N ASN B 24 2.36 2.04 -32.22
CA ASN B 24 1.44 2.49 -31.18
C ASN B 24 1.14 1.35 -30.23
N PRO B 25 1.99 1.16 -29.20
CA PRO B 25 1.82 -0.11 -28.50
C PRO B 25 0.44 -0.32 -27.91
N LEU B 26 -0.16 0.75 -27.39
CA LEU B 26 -1.40 0.62 -26.65
C LEU B 26 -2.48 0.06 -27.58
N GLU B 27 -2.75 0.81 -28.63
CA GLU B 27 -3.72 0.43 -29.65
C GLU B 27 -3.64 -1.05 -29.97
N PHE B 28 -2.42 -1.45 -30.31
CA PHE B 28 -2.14 -2.80 -30.75
C PHE B 28 -2.55 -3.80 -29.70
N MET B 29 -1.96 -3.66 -28.52
CA MET B 29 -2.25 -4.54 -27.39
C MET B 29 -3.75 -4.58 -27.14
N GLN B 30 -4.39 -3.42 -27.26
CA GLN B 30 -5.82 -3.37 -27.01
C GLN B 30 -6.54 -4.28 -27.98
N ARG B 31 -6.09 -4.23 -29.23
CA ARG B 31 -6.70 -4.99 -30.31
C ARG B 31 -6.49 -6.48 -30.07
N CYS B 32 -5.23 -6.85 -29.88
CA CYS B 32 -4.92 -8.25 -29.67
C CYS B 32 -5.87 -8.77 -28.59
N LYS B 33 -5.83 -8.09 -27.46
CA LYS B 33 -6.64 -8.48 -26.34
C LYS B 33 -8.09 -8.61 -26.81
N ARG B 34 -8.56 -7.61 -27.53
CA ARG B 34 -9.97 -7.53 -27.89
C ARG B 34 -10.35 -8.65 -28.84
N ASP B 35 -9.58 -8.78 -29.90
CA ASP B 35 -9.89 -9.68 -31.01
C ASP B 35 -9.63 -11.14 -30.64
N LEU B 36 -8.57 -11.37 -29.86
CA LEU B 36 -8.26 -12.69 -29.37
C LEU B 36 -9.24 -13.09 -28.26
N LYS B 37 -10.13 -12.16 -27.93
CA LYS B 37 -11.13 -12.35 -26.87
C LYS B 37 -10.51 -12.81 -25.56
N SER B 38 -9.27 -12.42 -25.32
CA SER B 38 -8.54 -12.84 -24.14
C SER B 38 -7.59 -11.75 -23.65
N GLY B 39 -7.63 -11.50 -22.35
CA GLY B 39 -6.74 -10.54 -21.73
C GLY B 39 -5.31 -11.02 -21.75
N VAL B 40 -5.14 -12.34 -21.81
CA VAL B 40 -3.81 -12.93 -21.88
C VAL B 40 -3.56 -13.48 -23.27
N PHE B 41 -2.43 -13.11 -23.86
CA PHE B 41 -2.14 -13.53 -25.22
C PHE B 41 -0.66 -13.40 -25.53
N THR B 42 -0.26 -13.99 -26.64
CA THR B 42 1.13 -14.04 -27.04
C THR B 42 1.28 -13.26 -28.34
N ILE B 43 2.26 -12.36 -28.37
CA ILE B 43 2.65 -11.72 -29.62
C ILE B 43 4.09 -12.05 -29.96
N SER B 44 4.48 -11.69 -31.17
CA SER B 44 5.83 -11.95 -31.65
C SER B 44 6.59 -10.68 -31.97
N ILE B 45 7.87 -10.69 -31.60
CA ILE B 45 8.77 -9.64 -32.00
C ILE B 45 10.03 -10.26 -32.58
N GLY B 46 10.12 -10.27 -33.92
CA GLY B 46 11.24 -10.89 -34.62
C GLY B 46 11.32 -12.38 -34.31
N GLY B 47 10.17 -12.98 -34.04
CA GLY B 47 10.09 -14.40 -33.77
C GLY B 47 10.14 -14.75 -32.30
N GLN B 48 10.57 -13.81 -31.47
CA GLN B 48 10.49 -14.04 -30.02
C GLN B 48 9.04 -13.98 -29.54
N ARG B 49 8.56 -15.12 -29.04
CA ARG B 49 7.25 -15.18 -28.42
C ARG B 49 7.20 -14.14 -27.30
N VAL B 50 6.18 -13.29 -27.29
CA VAL B 50 6.02 -12.38 -26.16
C VAL B 50 4.64 -12.46 -25.55
N THR B 51 4.58 -13.12 -24.41
CA THR B 51 3.31 -13.38 -23.76
C THR B 51 2.96 -12.24 -22.80
N ILE B 52 1.83 -11.61 -23.09
CA ILE B 52 1.42 -10.39 -22.40
C ILE B 52 0.27 -10.70 -21.46
N VAL B 53 0.52 -10.54 -20.16
CA VAL B 53 -0.49 -10.81 -19.15
C VAL B 53 -1.35 -9.57 -18.94
N GLY B 54 -2.38 -9.44 -19.77
CA GLY B 54 -3.11 -8.18 -19.88
C GLY B 54 -4.49 -8.19 -19.26
N ASP B 55 -4.74 -9.16 -18.40
CA ASP B 55 -5.94 -9.17 -17.57
C ASP B 55 -5.53 -8.92 -16.13
N PRO B 56 -5.94 -7.78 -15.56
CA PRO B 56 -5.37 -7.30 -14.31
C PRO B 56 -5.61 -8.22 -13.11
N HIS B 57 -6.54 -9.15 -13.25
CA HIS B 57 -6.81 -10.11 -12.18
C HIS B 57 -5.66 -11.09 -12.01
N GLU B 58 -4.87 -11.24 -13.07
CA GLU B 58 -3.78 -12.22 -13.11
C GLU B 58 -2.43 -11.62 -12.76
N HIS B 59 -2.43 -10.33 -12.44
CA HIS B 59 -1.18 -9.65 -12.17
C HIS B 59 -0.33 -10.43 -11.18
N SER B 60 -0.97 -10.99 -10.16
CA SER B 60 -0.27 -11.82 -9.18
C SER B 60 0.55 -12.89 -9.88
N ARG B 61 -0.05 -13.50 -10.88
CA ARG B 61 0.60 -14.59 -11.61
C ARG B 61 1.97 -14.18 -12.13
N PHE B 62 2.10 -12.91 -12.51
CA PHE B 62 3.34 -12.42 -13.12
C PHE B 62 4.37 -12.07 -12.06
N PHE B 63 3.92 -11.38 -11.02
CA PHE B 63 4.82 -10.67 -10.10
C PHE B 63 5.29 -11.51 -8.92
N SER B 64 4.71 -12.70 -8.79
CA SER B 64 4.85 -13.47 -7.57
C SER B 64 5.98 -14.48 -7.63
N PRO B 65 6.10 -15.21 -8.75
CA PRO B 65 7.13 -16.23 -8.92
C PRO B 65 8.54 -15.67 -8.71
N ARG B 66 9.42 -16.53 -8.20
CA ARG B 66 10.75 -16.11 -7.81
C ARG B 66 11.55 -15.84 -9.09
N ASN B 67 12.79 -15.39 -8.94
CA ASN B 67 13.62 -15.03 -10.10
C ASN B 67 13.90 -16.22 -11.00
N GLU B 68 13.97 -17.37 -10.35
CA GLU B 68 14.37 -18.61 -10.97
C GLU B 68 13.37 -19.10 -12.00
N ILE B 69 12.10 -18.80 -11.76
CA ILE B 69 11.05 -19.23 -12.66
C ILE B 69 10.87 -18.16 -13.70
N LEU B 70 10.58 -16.94 -13.25
CA LEU B 70 10.52 -15.81 -14.16
C LEU B 70 11.72 -14.90 -13.93
N SER B 71 12.68 -14.95 -14.85
CA SER B 71 13.95 -14.27 -14.66
C SER B 71 13.98 -12.91 -15.34
N PRO B 72 14.43 -11.90 -14.59
CA PRO B 72 14.52 -10.52 -15.05
C PRO B 72 15.85 -10.22 -15.74
N ARG B 73 16.89 -10.97 -15.37
CA ARG B 73 18.23 -10.74 -15.89
C ARG B 73 18.26 -10.51 -17.39
N GLU B 74 17.86 -11.54 -18.15
CA GLU B 74 18.06 -11.52 -19.60
C GLU B 74 17.47 -10.25 -20.15
N VAL B 75 16.26 -9.93 -19.69
CA VAL B 75 15.51 -8.84 -20.26
C VAL B 75 16.19 -7.52 -19.96
N TYR B 76 17.30 -7.62 -19.24
CA TYR B 76 18.00 -6.42 -18.79
C TYR B 76 19.47 -6.42 -19.21
N THR B 77 19.84 -7.30 -20.12
CA THR B 77 21.22 -7.37 -20.58
C THR B 77 21.56 -6.16 -21.43
N ILE B 78 20.55 -5.36 -21.73
CA ILE B 78 20.74 -4.19 -22.58
C ILE B 78 21.25 -3.01 -21.76
N MET B 79 21.58 -3.31 -20.50
CA MET B 79 22.05 -2.30 -19.57
C MET B 79 23.45 -2.60 -19.08
N THR B 80 23.87 -3.86 -19.18
CA THR B 80 25.05 -4.31 -18.47
C THR B 80 26.26 -3.42 -18.77
N PRO B 81 26.19 -2.66 -19.88
CA PRO B 81 27.19 -1.61 -20.12
C PRO B 81 26.91 -0.37 -19.29
N VAL B 82 25.64 -0.15 -18.98
CA VAL B 82 25.23 1.03 -18.22
C VAL B 82 25.48 0.85 -16.73
N PHE B 83 25.29 -0.38 -16.24
CA PHE B 83 25.51 -0.68 -14.83
C PHE B 83 26.89 -1.28 -14.64
N GLY B 84 27.28 -2.13 -15.59
CA GLY B 84 28.52 -2.88 -15.47
C GLY B 84 28.27 -4.36 -15.40
N GLU B 85 29.29 -5.14 -15.73
CA GLU B 85 29.24 -6.59 -15.54
C GLU B 85 29.30 -6.92 -14.05
N GLY B 86 28.52 -7.91 -13.64
CA GLY B 86 28.48 -8.36 -12.26
C GLY B 86 27.67 -7.41 -11.41
N VAL B 87 27.10 -6.40 -12.06
CA VAL B 87 26.28 -5.42 -11.38
C VAL B 87 24.81 -5.70 -11.64
N ALA B 88 24.02 -5.58 -10.58
CA ALA B 88 22.60 -5.79 -10.66
C ALA B 88 22.30 -7.17 -11.21
N TYR B 89 21.38 -7.25 -12.17
CA TYR B 89 20.88 -8.47 -12.70
C TYR B 89 21.99 -9.28 -13.29
N ALA B 90 22.94 -8.64 -13.93
CA ALA B 90 24.00 -9.36 -14.57
C ALA B 90 24.74 -10.13 -13.50
N ALA B 91 24.51 -9.72 -12.28
CA ALA B 91 25.03 -10.35 -11.09
C ALA B 91 24.14 -11.50 -10.64
N PRO B 92 24.71 -12.46 -9.91
CA PRO B 92 23.91 -13.54 -9.36
C PRO B 92 22.80 -13.03 -8.45
N TYR B 93 21.64 -13.66 -8.53
CA TYR B 93 20.40 -13.13 -7.95
C TYR B 93 20.53 -12.80 -6.46
N PRO B 94 21.15 -13.70 -5.68
CA PRO B 94 21.44 -13.35 -4.30
C PRO B 94 22.10 -11.98 -4.13
N ARG B 95 23.22 -11.74 -4.80
CA ARG B 95 23.98 -10.52 -4.56
C ARG B 95 23.37 -9.31 -5.25
N MET B 96 22.82 -9.50 -6.44
CA MET B 96 21.96 -8.48 -7.03
C MET B 96 21.02 -7.95 -5.96
N ARG B 97 20.31 -8.87 -5.32
CA ARG B 97 19.24 -8.55 -4.39
C ARG B 97 19.81 -7.73 -3.24
N GLU B 98 20.97 -8.19 -2.75
CA GLU B 98 21.74 -7.43 -1.78
C GLU B 98 21.98 -6.02 -2.30
N GLN B 99 22.47 -5.92 -3.52
CA GLN B 99 22.84 -4.62 -4.10
C GLN B 99 21.64 -3.70 -4.14
N LEU B 100 20.49 -4.23 -4.57
CA LEU B 100 19.27 -3.45 -4.61
C LEU B 100 18.84 -3.03 -3.20
N ASN B 101 19.07 -3.91 -2.23
CA ASN B 101 18.76 -3.57 -0.84
C ASN B 101 19.53 -2.32 -0.44
N PHE B 102 20.84 -2.35 -0.67
CA PHE B 102 21.70 -1.26 -0.25
C PHE B 102 21.15 0.06 -0.79
N LEU B 103 20.90 0.07 -2.09
CA LEU B 103 20.28 1.22 -2.73
C LEU B 103 18.96 1.57 -2.04
N ALA B 104 18.17 0.54 -1.73
CA ALA B 104 16.86 0.76 -1.14
C ALA B 104 16.99 1.56 0.15
N GLU B 105 17.94 1.17 0.99
CA GLU B 105 18.13 1.80 2.29
C GLU B 105 18.48 3.28 2.17
N GLU B 106 19.43 3.59 1.29
CA GLU B 106 19.76 4.98 1.01
C GLU B 106 18.52 5.79 0.62
N LEU B 107 17.43 5.08 0.33
CA LEU B 107 16.23 5.73 -0.22
C LEU B 107 14.99 5.56 0.67
N THR B 108 15.19 5.08 1.89
CA THR B 108 14.10 4.99 2.85
C THR B 108 13.79 6.37 3.43
N ILE B 109 12.55 6.60 3.82
CA ILE B 109 12.10 7.94 4.25
C ILE B 109 12.86 8.48 5.46
N ALA B 110 13.71 7.65 6.05
CA ALA B 110 14.62 8.12 7.10
C ALA B 110 15.58 9.16 6.55
N LYS B 111 15.89 9.02 5.26
CA LYS B 111 16.92 9.82 4.61
C LYS B 111 16.29 11.08 4.00
N PHE B 112 14.97 11.13 3.99
CA PHE B 112 14.23 12.12 3.22
C PHE B 112 14.12 13.46 3.94
N GLN B 113 14.69 13.54 5.14
CA GLN B 113 14.47 14.68 6.03
C GLN B 113 14.89 16.00 5.40
N ASN B 114 16.16 16.08 5.01
CA ASN B 114 16.74 17.29 4.40
C ASN B 114 16.20 17.56 2.99
N PHE B 115 15.87 16.48 2.30
CA PHE B 115 15.65 16.52 0.86
C PHE B 115 14.61 17.56 0.44
N VAL B 116 13.49 17.63 1.16
CA VAL B 116 12.39 18.48 0.72
C VAL B 116 12.87 19.93 0.59
N PRO B 117 13.52 20.44 1.64
CA PRO B 117 14.14 21.76 1.55
C PRO B 117 15.13 21.83 0.40
N ALA B 118 16.02 20.85 0.32
CA ALA B 118 17.02 20.82 -0.74
C ALA B 118 16.34 20.96 -2.10
N ILE B 119 15.38 20.09 -2.36
CA ILE B 119 14.68 20.10 -3.64
C ILE B 119 14.15 21.50 -3.92
N GLN B 120 13.33 22.00 -3.00
CA GLN B 120 12.71 23.31 -3.17
C GLN B 120 13.69 24.41 -3.56
N HIS B 121 14.77 24.53 -2.79
CA HIS B 121 15.85 25.45 -3.14
C HIS B 121 16.22 25.34 -4.62
N GLU B 122 16.63 24.16 -5.05
CA GLU B 122 17.09 23.91 -6.42
C GLU B 122 16.03 24.23 -7.46
N VAL B 123 14.77 23.99 -7.12
CA VAL B 123 13.68 24.23 -8.05
C VAL B 123 13.42 25.73 -8.21
N ARG B 124 13.55 26.44 -7.10
CA ARG B 124 13.31 27.87 -7.10
C ARG B 124 14.38 28.54 -7.94
N LYS B 125 15.62 28.18 -7.64
CA LYS B 125 16.76 28.58 -8.46
C LYS B 125 16.47 28.43 -9.96
N PHE B 126 16.21 27.20 -10.40
CA PHE B 126 15.94 26.95 -11.82
C PHE B 126 14.90 27.92 -12.38
N MET B 127 13.79 28.08 -11.68
CA MET B 127 12.73 28.99 -12.09
C MET B 127 13.25 30.42 -12.14
N ALA B 128 13.93 30.83 -11.08
CA ALA B 128 14.47 32.18 -10.98
C ALA B 128 15.47 32.46 -12.09
N GLU B 129 16.20 31.43 -12.52
CA GLU B 129 17.22 31.64 -13.55
C GLU B 129 16.70 31.48 -14.98
N ASN B 130 15.70 30.63 -15.18
CA ASN B 130 15.18 30.40 -16.54
C ASN B 130 13.79 30.99 -16.75
N TRP B 131 13.04 31.13 -15.66
CA TRP B 131 11.74 31.77 -15.73
C TRP B 131 11.80 33.15 -15.10
N LYS B 132 12.73 33.95 -15.61
CA LYS B 132 13.04 35.26 -15.07
C LYS B 132 11.88 36.23 -15.27
N GLU B 133 11.25 36.16 -16.44
CA GLU B 133 10.27 37.17 -16.83
C GLU B 133 8.89 36.98 -16.20
N ASP B 134 8.08 38.03 -16.30
CA ASP B 134 6.70 37.99 -15.85
C ASP B 134 5.93 36.92 -16.60
N GLU B 135 6.26 36.81 -17.87
CA GLU B 135 5.72 35.77 -18.74
C GLU B 135 6.90 35.04 -19.36
N GLY B 136 6.60 34.17 -20.30
CA GLY B 136 7.64 33.36 -20.90
C GLY B 136 7.16 31.97 -21.24
N VAL B 137 7.55 31.53 -22.44
CA VAL B 137 7.15 30.23 -22.95
C VAL B 137 8.31 29.26 -22.84
N ILE B 138 8.04 28.09 -22.28
CA ILE B 138 9.08 27.08 -22.06
C ILE B 138 8.69 25.69 -22.54
N ASN B 139 9.71 24.84 -22.65
CA ASN B 139 9.52 23.42 -22.85
C ASN B 139 9.46 22.71 -21.51
N LEU B 140 8.25 22.42 -21.07
CA LEU B 140 8.03 21.89 -19.73
C LEU B 140 8.86 20.64 -19.50
N LEU B 141 8.73 19.72 -20.46
CA LEU B 141 9.42 18.44 -20.42
C LEU B 141 10.93 18.63 -20.30
N GLU B 142 11.48 19.50 -21.14
CA GLU B 142 12.91 19.80 -21.11
C GLU B 142 13.29 20.38 -19.75
N ASP B 143 12.42 21.23 -19.23
CA ASP B 143 12.70 22.00 -18.02
C ASP B 143 12.47 21.18 -16.75
N CYS B 144 11.48 20.29 -16.80
CA CYS B 144 11.26 19.36 -15.71
C CYS B 144 12.42 18.38 -15.67
N GLY B 145 12.82 17.95 -16.85
CA GLY B 145 13.99 17.08 -16.96
C GLY B 145 15.10 17.73 -16.18
N ALA B 146 15.22 19.04 -16.36
CA ALA B 146 16.36 19.80 -15.86
C ALA B 146 16.26 19.84 -14.34
N MET B 147 15.12 20.32 -13.87
CA MET B 147 14.83 20.37 -12.45
C MET B 147 15.15 19.04 -11.79
N ILE B 148 14.63 17.95 -12.35
CA ILE B 148 14.67 16.65 -11.67
C ILE B 148 16.09 16.17 -11.41
N ILE B 149 16.96 16.30 -12.42
CA ILE B 149 18.34 15.85 -12.26
C ILE B 149 19.12 16.77 -11.30
N ASN B 150 18.75 18.05 -11.30
CA ASN B 150 19.28 18.99 -10.31
C ASN B 150 18.88 18.60 -8.90
N THR B 151 17.57 18.59 -8.66
CA THR B 151 17.05 18.31 -7.33
C THR B 151 17.54 16.96 -6.85
N ALA B 152 17.67 16.03 -7.79
CA ALA B 152 18.11 14.68 -7.44
C ALA B 152 19.53 14.73 -6.90
N CYS B 153 20.43 15.30 -7.68
CA CYS B 153 21.82 15.46 -7.28
C CYS B 153 21.88 16.15 -5.92
N GLN B 154 21.08 17.20 -5.78
CA GLN B 154 21.03 17.98 -4.56
C GLN B 154 20.84 17.07 -3.34
N CYS B 155 19.82 16.23 -3.41
CA CYS B 155 19.45 15.35 -2.31
C CYS B 155 20.44 14.20 -2.07
N LEU B 156 20.90 13.57 -3.14
CA LEU B 156 21.65 12.33 -3.00
C LEU B 156 23.14 12.57 -3.23
N PHE B 157 23.50 13.80 -3.58
CA PHE B 157 24.89 14.10 -3.89
C PHE B 157 25.55 14.97 -2.84
N GLY B 158 26.63 14.43 -2.28
CA GLY B 158 27.42 15.17 -1.30
C GLY B 158 27.91 16.49 -1.86
N GLU B 159 28.23 17.42 -0.98
CA GLU B 159 28.76 18.71 -1.39
C GLU B 159 29.94 18.54 -2.33
N ASP B 160 30.96 17.84 -1.84
CA ASP B 160 32.24 17.71 -2.55
C ASP B 160 32.07 17.11 -3.93
N LEU B 161 31.19 16.13 -4.03
CA LEU B 161 30.97 15.38 -5.26
C LEU B 161 30.28 16.28 -6.28
N ARG B 162 29.25 16.99 -5.82
CA ARG B 162 28.55 17.99 -6.64
C ARG B 162 29.51 19.03 -7.19
N LYS B 163 30.37 19.59 -6.33
CA LYS B 163 31.10 20.83 -6.60
C LYS B 163 32.12 20.58 -7.70
N ARG B 164 32.12 19.30 -8.04
CA ARG B 164 33.20 18.63 -8.72
C ARG B 164 32.54 18.03 -9.95
N LEU B 165 31.38 17.41 -9.69
CA LEU B 165 30.51 16.92 -10.74
C LEU B 165 29.12 17.53 -10.70
N ASN B 166 28.93 18.50 -11.61
CA ASN B 166 27.72 19.29 -11.68
C ASN B 166 26.60 18.58 -12.42
N ALA B 167 25.37 18.95 -12.10
CA ALA B 167 24.21 18.26 -12.65
C ALA B 167 24.19 18.34 -14.17
N ARG B 168 24.19 19.56 -14.69
CA ARG B 168 24.13 19.77 -16.14
C ARG B 168 25.21 18.97 -16.85
N HIS B 169 26.31 18.68 -16.15
CA HIS B 169 27.39 17.88 -16.71
C HIS B 169 27.12 16.39 -16.54
N PHE B 170 26.54 16.03 -15.39
CA PHE B 170 26.19 14.65 -15.12
C PHE B 170 25.02 14.19 -15.99
N ALA B 171 24.20 15.14 -16.41
CA ALA B 171 23.06 14.84 -17.27
C ALA B 171 23.54 14.57 -18.69
N GLN B 172 24.71 15.09 -19.03
CA GLN B 172 25.35 14.79 -20.30
C GLN B 172 26.09 13.46 -20.30
N LEU B 173 26.46 12.98 -19.11
CA LEU B 173 26.93 11.60 -18.97
C LEU B 173 25.78 10.62 -19.09
N LEU B 174 24.66 10.94 -18.45
CA LEU B 174 23.46 10.11 -18.51
C LEU B 174 23.03 9.85 -19.96
N SER B 175 22.98 10.91 -20.75
CA SER B 175 22.59 10.79 -22.15
C SER B 175 23.63 10.03 -22.96
N LYS B 176 24.89 10.39 -22.78
CA LYS B 176 25.99 9.68 -23.42
C LYS B 176 25.87 8.18 -23.15
N MET B 177 26.01 7.78 -21.89
CA MET B 177 25.80 6.38 -21.52
C MET B 177 24.52 5.88 -22.17
N GLU B 178 23.48 6.69 -22.07
CA GLU B 178 22.15 6.26 -22.49
C GLU B 178 22.10 5.92 -23.96
N SER B 179 22.40 6.91 -24.80
CA SER B 179 22.02 6.87 -26.20
C SER B 179 22.45 5.55 -26.86
N SER B 180 23.54 4.98 -26.37
CA SER B 180 24.16 3.80 -26.97
C SER B 180 23.27 2.56 -27.03
N LEU B 181 22.17 2.57 -26.29
CA LEU B 181 21.30 1.41 -26.23
C LEU B 181 20.35 1.36 -27.43
N ILE B 182 19.89 0.15 -27.73
CA ILE B 182 18.81 -0.07 -28.68
C ILE B 182 17.66 -0.74 -27.93
N PRO B 183 16.46 -0.15 -27.97
CA PRO B 183 15.33 -0.75 -27.27
C PRO B 183 15.06 -2.16 -27.79
N ALA B 184 15.12 -2.30 -29.10
CA ALA B 184 14.88 -3.56 -29.79
C ALA B 184 15.90 -4.61 -29.37
N ALA B 185 16.97 -4.14 -28.73
CA ALA B 185 18.14 -4.97 -28.42
C ALA B 185 17.75 -6.14 -27.52
N VAL B 186 16.75 -5.89 -26.68
CA VAL B 186 16.41 -6.80 -25.58
C VAL B 186 15.44 -7.87 -26.05
N PHE B 187 15.12 -7.86 -27.34
CA PHE B 187 14.34 -8.92 -27.96
C PHE B 187 15.18 -9.80 -28.87
N MET B 188 16.30 -9.27 -29.32
CA MET B 188 17.22 -10.02 -30.16
C MET B 188 18.58 -9.96 -29.49
N PRO B 189 18.72 -10.58 -28.31
CA PRO B 189 19.92 -10.27 -27.54
C PRO B 189 21.19 -10.50 -28.36
N TRP B 190 21.03 -10.98 -29.59
CA TRP B 190 22.16 -11.33 -30.46
C TRP B 190 22.79 -10.06 -31.01
N LEU B 191 21.93 -9.05 -31.11
CA LEU B 191 22.24 -7.76 -31.70
C LEU B 191 23.36 -7.13 -30.90
N LEU B 192 23.60 -7.73 -29.74
CA LEU B 192 24.54 -7.22 -28.79
C LEU B 192 25.77 -6.73 -29.52
N ARG B 193 26.31 -7.55 -30.42
CA ARG B 193 27.48 -7.08 -31.14
C ARG B 193 27.12 -6.29 -32.40
N LEU B 194 28.15 -5.64 -32.95
CA LEU B 194 29.50 -5.94 -32.48
C LEU B 194 30.41 -4.71 -32.39
N LEU B 196 28.15 -0.94 -32.19
CA LEU B 196 29.50 -0.93 -31.64
C LEU B 196 30.16 0.43 -31.80
N PRO B 197 29.58 1.32 -32.64
CA PRO B 197 30.19 2.64 -32.58
C PRO B 197 29.91 3.28 -31.22
N GLN B 198 28.74 2.99 -30.69
CA GLN B 198 28.26 3.70 -29.50
C GLN B 198 29.02 3.30 -28.24
N SER B 199 29.30 2.00 -28.11
CA SER B 199 29.77 1.47 -26.84
C SER B 199 30.95 2.29 -26.31
N ALA B 200 31.80 2.76 -27.20
CA ALA B 200 32.85 3.70 -26.83
C ALA B 200 32.26 4.89 -26.08
N ARG B 201 31.07 5.32 -26.48
CA ARG B 201 30.45 6.53 -25.93
C ARG B 201 29.94 6.28 -24.51
N CYS B 202 29.12 5.24 -24.35
CA CYS B 202 28.65 4.82 -23.03
C CYS B 202 29.80 4.27 -22.21
N ARG B 203 30.60 3.41 -22.84
CA ARG B 203 31.67 2.72 -22.15
C ARG B 203 32.62 3.73 -21.53
N GLU B 204 32.90 4.80 -22.28
CA GLU B 204 33.74 5.88 -21.78
C GLU B 204 32.95 6.79 -20.83
N ALA B 205 31.66 6.94 -21.11
CA ALA B 205 30.80 7.80 -20.31
C ALA B 205 30.68 7.26 -18.89
N ARG B 206 30.94 5.96 -18.77
CA ARG B 206 30.88 5.29 -17.47
C ARG B 206 32.25 5.36 -16.81
N ALA B 207 33.26 4.93 -17.56
CA ALA B 207 34.61 4.84 -17.02
C ALA B 207 35.01 6.19 -16.44
N GLU B 208 34.60 7.24 -17.13
CA GLU B 208 34.81 8.61 -16.65
C GLU B 208 34.20 8.80 -15.27
N LEU B 209 32.87 8.64 -15.20
CA LEU B 209 32.15 8.87 -13.95
C LEU B 209 32.78 8.04 -12.84
N GLN B 210 33.03 6.77 -13.14
CA GLN B 210 33.62 5.87 -12.17
C GLN B 210 34.83 6.51 -11.53
N LYS B 211 35.73 7.02 -12.35
CA LYS B 211 36.92 7.66 -11.82
C LYS B 211 36.54 8.83 -10.93
N ILE B 212 35.78 9.75 -11.49
CA ILE B 212 35.40 10.94 -10.73
C ILE B 212 35.13 10.55 -9.28
N LEU B 213 34.56 9.37 -9.10
CA LEU B 213 34.25 8.84 -7.79
C LEU B 213 35.51 8.28 -7.13
N GLY B 214 36.19 7.39 -7.84
CA GLY B 214 37.43 6.80 -7.35
C GLY B 214 38.40 7.89 -6.95
N GLU B 215 38.13 9.08 -7.48
CA GLU B 215 38.93 10.26 -7.22
C GLU B 215 38.31 11.06 -6.07
N ILE B 216 36.98 10.97 -5.96
CA ILE B 216 36.26 11.62 -4.87
C ILE B 216 36.51 10.87 -3.57
N ILE B 217 36.55 9.55 -3.72
CA ILE B 217 36.53 8.66 -2.58
C ILE B 217 37.76 9.02 -1.77
N VAL B 218 38.87 9.17 -2.46
CA VAL B 218 40.14 9.33 -1.77
C VAL B 218 40.17 10.62 -0.96
N ALA B 219 39.71 11.72 -1.54
CA ALA B 219 39.57 12.97 -0.80
C ALA B 219 38.94 12.74 0.58
N ARG B 220 37.76 12.13 0.57
CA ARG B 220 36.95 11.99 1.78
C ARG B 220 37.58 11.10 2.85
N GLU B 221 38.72 10.49 2.55
CA GLU B 221 39.37 9.60 3.51
C GLU B 221 40.45 10.31 4.32
N LYS B 222 41.12 11.28 3.68
CA LYS B 222 42.21 12.01 4.31
C LYS B 222 41.69 13.23 5.06
N GLU B 223 40.38 13.34 5.14
CA GLU B 223 39.74 14.40 5.93
C GLU B 223 38.79 13.74 6.93
N GLU B 224 38.99 12.45 7.12
CA GLU B 224 38.23 11.65 8.07
C GLU B 224 38.87 11.77 9.45
N ALA B 225 40.20 11.80 9.48
CA ALA B 225 40.95 11.93 10.72
C ALA B 225 40.58 13.21 11.46
N SER B 226 40.22 14.24 10.71
CA SER B 226 39.63 15.42 11.30
C SER B 226 38.24 15.12 11.86
N LYS B 227 37.57 14.13 11.27
CA LYS B 227 36.15 13.90 11.52
C LYS B 227 35.44 15.22 11.26
N ASP B 228 35.93 15.88 10.23
CA ASP B 228 35.68 17.28 9.95
C ASP B 228 34.32 17.36 9.28
N ASN B 229 33.31 17.15 10.11
CA ASN B 229 32.00 16.94 9.59
C ASN B 229 31.80 15.47 9.26
N ASN B 230 30.57 15.12 8.92
CA ASN B 230 30.22 13.80 8.43
C ASN B 230 29.36 14.01 7.19
N THR B 231 29.59 13.21 6.15
CA THR B 231 28.82 13.33 4.92
C THR B 231 28.03 12.04 4.63
N SER B 232 26.72 12.16 4.73
CA SER B 232 25.80 11.01 4.69
C SER B 232 25.14 10.88 3.33
N ASP B 233 25.93 11.01 2.28
CA ASP B 233 25.39 10.96 0.95
C ASP B 233 25.28 9.54 0.43
N LEU B 234 24.48 9.40 -0.62
CA LEU B 234 24.13 8.12 -1.14
C LEU B 234 25.41 7.32 -1.37
N LEU B 235 26.40 7.97 -1.98
CA LEU B 235 27.70 7.34 -2.15
C LEU B 235 28.24 6.98 -0.77
N GLY B 236 28.10 7.92 0.15
CA GLY B 236 28.51 7.69 1.52
C GLY B 236 27.93 6.38 2.01
N GLY B 237 26.62 6.23 1.83
CA GLY B 237 25.89 5.08 2.34
C GLY B 237 26.33 3.79 1.68
N LEU B 238 26.59 3.86 0.37
CA LEU B 238 27.01 2.68 -0.38
C LEU B 238 28.41 2.26 0.03
N LEU B 239 29.29 3.23 0.27
CA LEU B 239 30.69 2.94 0.57
C LEU B 239 30.81 2.17 1.88
N LYS B 240 29.79 2.29 2.72
CA LYS B 240 29.73 1.62 4.02
C LYS B 240 29.12 0.23 3.94
N ALA B 241 28.36 -0.02 2.88
CA ALA B 241 27.61 -1.26 2.74
C ALA B 241 28.54 -2.46 2.60
N VAL B 242 28.20 -3.53 3.32
CA VAL B 242 29.00 -4.76 3.32
C VAL B 242 28.10 -5.97 3.01
N TYR B 243 28.53 -6.77 2.04
CA TYR B 243 27.83 -8.01 1.73
C TYR B 243 27.91 -8.98 2.90
N ARG B 244 27.10 -10.02 2.81
CA ARG B 244 27.01 -11.02 3.86
C ARG B 244 28.23 -11.92 3.90
N ASP B 245 29.05 -11.88 2.85
CA ASP B 245 30.32 -12.58 2.89
C ASP B 245 31.47 -11.63 3.23
N GLY B 246 31.12 -10.53 3.90
CA GLY B 246 32.13 -9.66 4.52
C GLY B 246 32.74 -8.67 3.54
N THR B 247 32.71 -9.02 2.26
CA THR B 247 33.32 -8.18 1.22
C THR B 247 32.56 -6.87 1.05
N ARG B 248 33.18 -5.94 0.33
CA ARG B 248 32.54 -4.68 0.03
C ARG B 248 32.23 -4.51 -1.45
N MET B 249 31.61 -3.37 -1.73
CA MET B 249 31.27 -3.00 -3.09
C MET B 249 32.53 -2.46 -3.73
N SER B 250 32.83 -3.02 -4.89
CA SER B 250 33.89 -2.46 -5.71
C SER B 250 33.44 -1.06 -6.05
N LEU B 251 34.40 -0.26 -6.48
CA LEU B 251 34.10 1.03 -7.04
C LEU B 251 33.24 0.84 -8.28
N HIS B 252 33.55 -0.18 -9.06
CA HIS B 252 32.77 -0.45 -10.26
C HIS B 252 31.29 -0.56 -9.93
N GLU B 253 30.98 -1.45 -9.00
CA GLU B 253 29.61 -1.68 -8.57
C GLU B 253 29.01 -0.42 -7.96
N VAL B 254 29.78 0.21 -7.08
CA VAL B 254 29.35 1.44 -6.43
C VAL B 254 28.99 2.49 -7.48
N CYS B 255 29.87 2.64 -8.46
CA CYS B 255 29.58 3.54 -9.58
C CYS B 255 28.27 3.11 -10.23
N GLY B 256 28.17 1.82 -10.51
CA GLY B 256 27.01 1.29 -11.21
C GLY B 256 25.72 1.58 -10.48
N MET B 257 25.71 1.30 -9.17
CA MET B 257 24.50 1.46 -8.36
C MET B 257 23.97 2.90 -8.42
N ILE B 258 24.88 3.86 -8.52
CA ILE B 258 24.52 5.27 -8.50
C ILE B 258 24.03 5.69 -9.87
N VAL B 259 24.73 5.19 -10.87
CA VAL B 259 24.32 5.37 -12.25
C VAL B 259 22.88 4.90 -12.37
N ALA B 260 22.68 3.64 -12.00
CA ALA B 260 21.35 3.04 -11.97
C ALA B 260 20.34 3.96 -11.28
N ALA B 261 20.66 4.35 -10.06
CA ALA B 261 19.76 5.17 -9.27
C ALA B 261 19.33 6.37 -10.09
N MET B 262 20.32 7.13 -10.55
CA MET B 262 20.09 8.38 -11.26
C MET B 262 19.46 8.18 -12.63
N PHE B 263 19.86 7.11 -13.31
CA PHE B 263 19.34 6.84 -14.64
C PHE B 263 17.86 6.46 -14.50
N ALA B 264 17.61 5.63 -13.49
CA ALA B 264 16.27 5.23 -13.13
C ALA B 264 15.33 6.43 -12.95
N GLY B 265 15.70 7.29 -11.99
CA GLY B 265 14.79 8.34 -11.55
C GLY B 265 14.56 9.36 -12.66
N GLN B 266 15.52 9.39 -13.54
CA GLN B 266 15.75 10.53 -14.39
C GLN B 266 14.62 10.83 -15.34
N HIS B 267 14.18 9.82 -16.08
CA HIS B 267 13.17 10.05 -17.09
C HIS B 267 11.79 9.83 -16.54
N THR B 268 11.69 8.84 -15.66
CA THR B 268 10.42 8.44 -15.12
C THR B 268 9.75 9.58 -14.35
N SER B 269 10.53 10.16 -13.47
CA SER B 269 10.10 11.24 -12.59
C SER B 269 9.80 12.51 -13.36
N THR B 270 10.69 12.82 -14.29
CA THR B 270 10.55 14.03 -15.09
C THR B 270 9.35 13.95 -16.00
N ILE B 271 9.14 12.80 -16.62
CA ILE B 271 7.94 12.57 -17.42
C ILE B 271 6.70 12.68 -16.53
N THR B 272 6.79 12.09 -15.34
CA THR B 272 5.61 12.03 -14.48
C THR B 272 5.26 13.45 -14.02
N THR B 273 6.26 14.17 -13.51
CA THR B 273 6.06 15.57 -13.19
C THR B 273 5.38 16.28 -14.35
N SER B 274 5.97 16.14 -15.53
CA SER B 274 5.53 16.91 -16.68
C SER B 274 4.07 16.62 -16.98
N TRP B 275 3.69 15.35 -16.97
CA TRP B 275 2.30 14.97 -17.21
C TRP B 275 1.37 15.69 -16.24
N SER B 276 1.69 15.61 -14.95
CA SER B 276 0.74 16.07 -13.96
C SER B 276 0.45 17.55 -14.17
N MET B 277 1.50 18.31 -14.43
CA MET B 277 1.35 19.74 -14.61
C MET B 277 0.46 20.00 -15.81
N LEU B 278 0.78 19.36 -16.92
CA LEU B 278 0.03 19.60 -18.14
C LEU B 278 -1.44 19.41 -17.83
N HIS B 279 -1.73 18.23 -17.27
CA HIS B 279 -3.09 17.88 -16.95
C HIS B 279 -3.68 18.96 -16.08
N LEU B 280 -2.96 19.29 -15.02
CA LEU B 280 -3.44 20.30 -14.07
C LEU B 280 -3.69 21.62 -14.77
N MET B 281 -2.78 22.01 -15.66
CA MET B 281 -2.79 23.34 -16.25
C MET B 281 -3.79 23.45 -17.39
N HIS B 282 -4.41 22.32 -17.73
CA HIS B 282 -5.50 22.32 -18.71
C HIS B 282 -6.75 22.96 -18.11
N PRO B 283 -7.59 23.57 -18.97
CA PRO B 283 -8.80 24.25 -18.50
C PRO B 283 -9.80 23.28 -17.90
N LYS B 284 -10.05 22.18 -18.60
CA LYS B 284 -11.06 21.20 -18.20
C LYS B 284 -10.68 20.49 -16.91
N ASN B 285 -9.61 20.93 -16.27
CA ASN B 285 -9.21 20.38 -14.98
C ASN B 285 -9.19 21.42 -13.88
N LYS B 286 -9.81 22.57 -14.13
CA LYS B 286 -9.78 23.68 -13.19
C LYS B 286 -9.99 23.19 -11.76
N LYS B 287 -11.11 22.52 -11.54
CA LYS B 287 -11.47 22.06 -10.21
C LYS B 287 -10.33 21.30 -9.52
N TRP B 288 -9.64 20.43 -10.26
CA TRP B 288 -8.54 19.65 -9.68
C TRP B 288 -7.39 20.57 -9.29
N LEU B 289 -6.99 21.41 -10.24
CA LEU B 289 -6.11 22.53 -9.94
C LEU B 289 -6.59 23.29 -8.70
N ASP B 290 -7.84 23.73 -8.73
CA ASP B 290 -8.45 24.45 -7.62
C ASP B 290 -8.32 23.64 -6.34
N LYS B 291 -8.78 22.39 -6.41
CA LYS B 291 -8.64 21.47 -5.29
C LYS B 291 -7.18 21.37 -4.86
N LEU B 292 -6.27 21.33 -5.84
CA LEU B 292 -4.85 21.26 -5.53
C LEU B 292 -4.44 22.47 -4.69
N HIS B 293 -4.90 23.65 -5.10
CA HIS B 293 -4.54 24.88 -4.39
C HIS B 293 -5.03 24.85 -2.94
N LYS B 294 -6.30 24.49 -2.77
CA LYS B 294 -6.89 24.38 -1.44
C LYS B 294 -5.95 23.60 -0.52
N GLU B 295 -5.18 22.69 -1.11
CA GLU B 295 -4.34 21.77 -0.34
C GLU B 295 -2.93 22.32 -0.09
N ILE B 296 -2.48 23.24 -0.93
CA ILE B 296 -1.11 23.72 -0.85
C ILE B 296 -1.02 25.18 -0.41
N ASP B 297 -2.15 25.88 -0.46
CA ASP B 297 -2.17 27.31 -0.15
C ASP B 297 -1.69 27.61 1.26
N GLU B 298 -2.10 26.78 2.22
CA GLU B 298 -1.87 27.09 3.63
C GLU B 298 -0.47 26.67 4.09
N PHE B 299 0.38 26.33 3.14
CA PHE B 299 1.75 25.92 3.45
C PHE B 299 2.65 27.14 3.57
N PRO B 300 3.65 27.08 4.45
CA PRO B 300 4.71 28.08 4.45
C PRO B 300 5.45 28.05 3.12
N ALA B 301 6.11 29.16 2.78
CA ALA B 301 6.96 29.18 1.60
C ALA B 301 7.95 28.01 1.68
N GLN B 302 8.65 27.89 2.81
CA GLN B 302 9.58 26.79 3.02
C GLN B 302 8.90 25.55 3.59
N LEU B 303 8.63 24.58 2.73
CA LEU B 303 7.97 23.34 3.12
C LEU B 303 8.93 22.35 3.76
N ASN B 304 8.41 21.60 4.73
CA ASN B 304 9.19 20.56 5.40
C ASN B 304 8.77 19.17 4.95
N TYR B 305 9.41 18.15 5.52
CA TYR B 305 9.03 16.77 5.25
C TYR B 305 7.52 16.64 5.41
N ASP B 306 7.07 16.87 6.64
CA ASP B 306 5.68 16.61 7.03
C ASP B 306 4.66 17.18 6.04
N ASN B 307 4.89 18.39 5.53
CA ASN B 307 3.92 19.01 4.63
C ASN B 307 3.70 18.21 3.35
N VAL B 308 4.77 17.80 2.69
CA VAL B 308 4.65 17.05 1.45
C VAL B 308 4.09 15.66 1.66
N MET B 309 4.78 14.89 2.49
CA MET B 309 4.56 13.45 2.54
C MET B 309 3.18 13.13 3.09
N ASP B 310 2.88 13.70 4.25
CA ASP B 310 1.62 13.42 4.95
C ASP B 310 0.51 14.40 4.57
N GLU B 311 0.89 15.57 4.08
CA GLU B 311 -0.06 16.68 3.97
C GLU B 311 -0.48 17.06 2.55
N MET B 312 -0.05 16.29 1.55
CA MET B 312 -0.53 16.52 0.19
C MET B 312 -1.17 15.27 -0.40
N PRO B 313 -2.17 14.70 0.28
CA PRO B 313 -2.72 13.45 -0.22
C PRO B 313 -3.24 13.57 -1.64
N PHE B 314 -3.96 14.66 -1.90
CA PHE B 314 -4.63 14.81 -3.18
C PHE B 314 -3.63 14.96 -4.33
N ALA B 315 -2.59 15.74 -4.09
CA ALA B 315 -1.52 15.89 -5.06
C ALA B 315 -1.00 14.50 -5.43
N GLU B 316 -0.63 13.74 -4.40
CA GLU B 316 -0.22 12.36 -4.60
C GLU B 316 -1.19 11.64 -5.54
N ARG B 317 -2.49 11.78 -5.31
CA ARG B 317 -3.46 11.18 -6.22
C ARG B 317 -3.17 11.61 -7.65
N CYS B 318 -3.07 12.91 -7.85
CA CYS B 318 -2.72 13.51 -9.15
C CYS B 318 -1.52 12.88 -9.86
N VAL B 319 -0.40 12.76 -9.18
CA VAL B 319 0.76 12.05 -9.71
C VAL B 319 0.37 10.66 -10.21
N ARG B 320 -0.05 9.81 -9.29
CA ARG B 320 -0.40 8.41 -9.61
C ARG B 320 -1.35 8.29 -10.80
N GLU B 321 -2.41 9.10 -10.81
CA GLU B 321 -3.39 9.06 -11.89
C GLU B 321 -2.70 9.39 -13.21
N SER B 322 -1.71 10.27 -13.13
CA SER B 322 -0.91 10.63 -14.30
C SER B 322 0.01 9.48 -14.72
N ILE B 323 0.56 8.77 -13.75
CA ILE B 323 1.29 7.54 -14.03
C ILE B 323 0.35 6.42 -14.46
N ARG B 324 -0.82 6.36 -13.84
CA ARG B 324 -1.87 5.45 -14.27
C ARG B 324 -2.15 5.60 -15.76
N ARG B 325 -2.53 6.81 -16.17
CA ARG B 325 -2.92 7.07 -17.55
C ARG B 325 -1.76 6.93 -18.52
N ASP B 326 -0.61 7.47 -18.16
CA ASP B 326 0.54 7.43 -19.06
C ASP B 326 1.80 6.87 -18.41
N PRO B 327 1.81 5.55 -18.21
CA PRO B 327 2.96 4.89 -17.62
C PRO B 327 4.18 5.15 -18.48
N PRO B 328 5.24 5.66 -17.84
CA PRO B 328 6.58 5.88 -18.36
C PRO B 328 7.18 4.60 -18.91
N LEU B 329 7.16 3.57 -18.07
CA LEU B 329 7.50 2.20 -18.47
C LEU B 329 6.25 1.44 -18.92
N LEU B 330 6.25 1.02 -20.18
CA LEU B 330 5.07 0.43 -20.81
C LEU B 330 4.93 -1.05 -20.46
N MET B 331 6.07 -1.66 -20.22
CA MET B 331 6.12 -3.10 -20.06
C MET B 331 7.15 -3.47 -19.01
N VAL B 332 6.71 -4.36 -18.12
CA VAL B 332 7.62 -5.14 -17.30
C VAL B 332 7.73 -6.54 -17.90
N MET B 333 8.93 -7.10 -17.87
CA MET B 333 9.21 -8.33 -18.60
C MET B 333 10.07 -9.31 -17.82
N ARG B 334 9.87 -10.59 -18.08
CA ARG B 334 10.80 -11.61 -17.64
C ARG B 334 11.00 -12.68 -18.69
N MET B 335 12.13 -13.36 -18.59
CA MET B 335 12.37 -14.59 -19.33
C MET B 335 11.82 -15.77 -18.54
N VAL B 336 10.89 -16.49 -19.16
CA VAL B 336 10.29 -17.66 -18.54
C VAL B 336 11.29 -18.82 -18.52
N LYS B 337 11.94 -19.04 -17.39
CA LYS B 337 12.87 -20.16 -17.26
C LYS B 337 12.17 -21.48 -16.98
N ALA B 338 10.88 -21.41 -16.63
CA ALA B 338 10.09 -22.59 -16.36
C ALA B 338 8.60 -22.33 -16.61
N GLU B 339 7.86 -23.40 -16.86
CA GLU B 339 6.44 -23.29 -17.15
C GLU B 339 5.73 -22.56 -16.02
N VAL B 340 5.01 -21.48 -16.34
CA VAL B 340 4.18 -20.83 -15.33
C VAL B 340 2.70 -20.78 -15.72
N LYS B 341 1.83 -20.99 -14.73
CA LYS B 341 0.39 -20.92 -14.95
C LYS B 341 0.02 -19.45 -15.02
N VAL B 342 -0.79 -19.08 -16.01
CA VAL B 342 -1.37 -17.76 -16.02
C VAL B 342 -2.83 -17.82 -16.44
N GLY B 343 -3.71 -17.70 -15.45
CA GLY B 343 -5.14 -17.88 -15.68
C GLY B 343 -5.43 -19.28 -16.18
N SER B 344 -6.16 -19.35 -17.29
CA SER B 344 -6.51 -20.63 -17.90
C SER B 344 -5.45 -21.13 -18.87
N TYR B 345 -4.30 -20.48 -18.89
CA TYR B 345 -3.24 -20.91 -19.78
C TYR B 345 -1.99 -21.32 -19.05
N VAL B 346 -1.04 -21.76 -19.85
CA VAL B 346 0.30 -22.02 -19.40
C VAL B 346 1.25 -21.32 -20.37
N VAL B 347 2.38 -20.90 -19.83
CA VAL B 347 3.37 -20.15 -20.61
C VAL B 347 4.70 -20.87 -20.58
N PRO B 348 5.20 -21.17 -21.79
CA PRO B 348 6.28 -22.10 -22.04
C PRO B 348 7.62 -21.48 -21.69
N LYS B 349 8.45 -22.30 -21.07
CA LYS B 349 9.84 -21.96 -20.90
C LYS B 349 10.38 -21.41 -22.22
N GLY B 350 11.19 -20.38 -22.11
CA GLY B 350 11.69 -19.66 -23.29
C GLY B 350 10.75 -18.59 -23.80
N ASP B 351 9.48 -18.64 -23.42
CA ASP B 351 8.60 -17.53 -23.75
C ASP B 351 9.08 -16.32 -22.98
N ILE B 352 8.76 -15.15 -23.50
CA ILE B 352 9.02 -13.94 -22.75
C ILE B 352 7.69 -13.42 -22.25
N ILE B 353 7.61 -13.26 -20.94
CA ILE B 353 6.36 -12.90 -20.34
C ILE B 353 6.43 -11.47 -19.87
N ALA B 354 5.37 -10.74 -20.16
CA ALA B 354 5.33 -9.34 -19.83
C ALA B 354 4.05 -9.05 -19.06
N CYS B 355 4.15 -8.05 -18.19
CA CYS B 355 2.98 -7.43 -17.60
C CYS B 355 3.02 -5.93 -17.87
N SER B 356 2.00 -5.42 -18.56
CA SER B 356 2.08 -4.10 -19.15
C SER B 356 1.23 -3.07 -18.40
N PRO B 357 1.90 -2.26 -17.55
CA PRO B 357 1.27 -1.13 -16.88
C PRO B 357 0.40 -0.35 -17.85
N LEU B 358 0.84 -0.31 -19.10
CA LEU B 358 0.15 0.45 -20.14
C LEU B 358 -1.15 -0.26 -20.49
N LEU B 359 -1.06 -1.57 -20.68
CA LEU B 359 -2.23 -2.34 -21.08
C LEU B 359 -3.24 -2.41 -19.94
N SER B 360 -2.80 -2.98 -18.82
CA SER B 360 -3.59 -3.05 -17.61
C SER B 360 -4.30 -1.72 -17.35
N HIS B 361 -3.54 -0.64 -17.36
CA HIS B 361 -4.05 0.66 -16.93
C HIS B 361 -5.23 1.11 -17.78
N HIS B 362 -5.53 0.36 -18.83
CA HIS B 362 -6.56 0.79 -19.77
C HIS B 362 -7.72 -0.19 -19.89
N ASP B 363 -7.63 -1.31 -19.19
CA ASP B 363 -8.77 -2.21 -19.03
C ASP B 363 -9.97 -1.41 -18.55
N GLU B 364 -11.12 -1.63 -19.16
CA GLU B 364 -12.28 -0.81 -18.84
C GLU B 364 -13.01 -1.32 -17.61
N GLU B 365 -12.67 -2.52 -17.17
CA GLU B 365 -13.19 -3.00 -15.90
C GLU B 365 -12.45 -2.32 -14.76
N ALA B 366 -11.13 -2.36 -14.84
CA ALA B 366 -10.29 -1.76 -13.81
C ALA B 366 -10.27 -0.24 -13.87
N PHE B 367 -10.30 0.33 -15.07
CA PHE B 367 -10.32 1.77 -15.20
C PHE B 367 -11.26 2.28 -16.28
N PRO B 368 -12.54 2.43 -15.95
CA PRO B 368 -13.42 3.02 -16.96
C PRO B 368 -12.85 4.33 -17.49
N ASN B 369 -13.16 4.66 -18.74
CA ASN B 369 -12.67 5.89 -19.36
C ASN B 369 -11.16 6.08 -19.29
N PRO B 370 -10.40 4.98 -19.43
CA PRO B 370 -8.97 4.99 -19.15
C PRO B 370 -8.22 6.21 -19.68
N ARG B 371 -8.73 6.85 -20.74
CA ARG B 371 -8.11 8.05 -21.27
C ARG B 371 -8.47 9.31 -20.48
N LEU B 372 -9.53 9.22 -19.68
CA LEU B 372 -9.89 10.34 -18.80
C LEU B 372 -8.99 10.40 -17.58
N TRP B 373 -8.31 11.52 -17.40
CA TRP B 373 -7.47 11.76 -16.24
C TRP B 373 -8.38 12.18 -15.09
N ASP B 374 -8.41 11.35 -14.05
CA ASP B 374 -9.27 11.61 -12.91
C ASP B 374 -8.56 11.14 -11.65
N PRO B 375 -7.96 12.08 -10.91
CA PRO B 375 -7.10 11.72 -9.79
C PRO B 375 -7.90 11.09 -8.67
N GLU B 376 -9.21 11.35 -8.67
CA GLU B 376 -10.08 10.86 -7.61
C GLU B 376 -10.60 9.44 -7.87
N ARG B 377 -10.41 8.95 -9.09
CA ARG B 377 -10.78 7.57 -9.41
C ARG B 377 -9.97 6.62 -8.55
N ASP B 378 -10.50 5.41 -8.38
CA ASP B 378 -9.72 4.34 -7.77
C ASP B 378 -9.81 3.06 -8.58
N GLU B 379 -8.71 2.31 -8.53
CA GLU B 379 -8.61 1.06 -9.28
C GLU B 379 -9.76 0.15 -8.88
N LYS B 380 -10.69 -0.03 -9.81
CA LYS B 380 -11.90 -0.83 -9.59
C LYS B 380 -11.65 -2.30 -9.89
N VAL B 381 -10.37 -2.66 -9.95
CA VAL B 381 -9.93 -4.04 -9.84
C VAL B 381 -8.67 -4.03 -8.98
N ASP B 382 -8.71 -4.70 -7.83
CA ASP B 382 -7.60 -4.53 -6.91
C ASP B 382 -6.30 -5.10 -7.45
N GLY B 383 -5.31 -4.21 -7.54
CA GLY B 383 -3.98 -4.56 -7.99
C GLY B 383 -3.76 -4.08 -9.41
N ALA B 384 -4.79 -3.48 -9.98
CA ALA B 384 -4.74 -3.09 -11.38
C ALA B 384 -3.58 -2.15 -11.65
N PHE B 385 -3.44 -1.11 -10.82
CA PHE B 385 -2.39 -0.15 -11.02
C PHE B 385 -1.04 -0.80 -10.77
N ILE B 386 -0.16 -0.77 -11.78
CA ILE B 386 1.16 -1.36 -11.63
C ILE B 386 2.27 -0.41 -12.07
N GLY B 387 2.00 0.88 -11.95
CA GLY B 387 2.94 1.90 -12.40
C GLY B 387 4.33 1.74 -11.81
N PHE B 388 4.41 1.27 -10.57
CA PHE B 388 5.72 1.04 -9.96
C PHE B 388 5.98 -0.44 -9.75
N GLY B 389 5.47 -1.24 -10.69
CA GLY B 389 5.55 -2.69 -10.56
C GLY B 389 4.83 -3.16 -9.32
N ALA B 390 5.36 -4.23 -8.74
CA ALA B 390 4.69 -4.92 -7.63
C ALA B 390 5.57 -6.04 -7.11
N GLY B 391 5.20 -6.55 -5.94
CA GLY B 391 5.82 -7.75 -5.39
C GLY B 391 7.29 -7.59 -5.11
N VAL B 392 8.05 -8.65 -5.36
CA VAL B 392 9.47 -8.66 -5.03
C VAL B 392 10.21 -7.50 -5.66
N HIS B 393 9.83 -7.12 -6.86
CA HIS B 393 10.61 -6.16 -7.63
C HIS B 393 9.99 -4.77 -7.68
N LYS B 394 9.06 -4.48 -6.78
CA LYS B 394 8.37 -3.20 -6.86
C LYS B 394 9.39 -2.09 -6.73
N CYS B 395 9.09 -0.94 -7.32
CA CYS B 395 10.08 0.14 -7.38
C CYS B 395 10.51 0.58 -5.99
N ILE B 396 11.82 0.55 -5.79
CA ILE B 396 12.43 1.06 -4.56
C ILE B 396 12.47 2.57 -4.48
N GLY B 397 12.44 3.23 -5.64
CA GLY B 397 12.61 4.67 -5.72
C GLY B 397 11.28 5.41 -5.71
N GLN B 398 10.26 4.65 -5.36
CA GLN B 398 8.88 5.11 -5.43
C GLN B 398 8.64 6.36 -4.60
N LYS B 399 8.92 6.26 -3.32
CA LYS B 399 8.56 7.31 -2.38
C LYS B 399 9.25 8.58 -2.79
N PHE B 400 10.53 8.43 -3.10
CA PHE B 400 11.40 9.54 -3.40
C PHE B 400 10.87 10.35 -4.58
N ALA B 401 10.60 9.64 -5.66
CA ALA B 401 10.09 10.25 -6.88
C ALA B 401 8.77 10.94 -6.58
N LEU B 402 7.96 10.28 -5.76
CA LEU B 402 6.72 10.88 -5.34
C LEU B 402 7.04 12.18 -4.65
N LEU B 403 8.02 12.10 -3.77
CA LEU B 403 8.44 13.26 -3.01
C LEU B 403 8.77 14.40 -3.96
N GLN B 404 9.66 14.13 -4.89
CA GLN B 404 10.14 15.15 -5.81
C GLN B 404 8.99 15.75 -6.58
N VAL B 405 8.25 14.86 -7.25
CA VAL B 405 7.18 15.32 -8.10
C VAL B 405 6.24 16.23 -7.32
N LYS B 406 5.85 15.79 -6.13
CA LYS B 406 4.90 16.54 -5.33
C LYS B 406 5.51 17.88 -4.93
N THR B 407 6.70 17.85 -4.35
CA THR B 407 7.39 19.09 -4.00
C THR B 407 7.30 20.00 -5.20
N ILE B 408 7.92 19.54 -6.28
CA ILE B 408 8.05 20.34 -7.50
C ILE B 408 6.67 20.80 -7.96
N LEU B 409 5.66 19.96 -7.76
CA LEU B 409 4.31 20.33 -8.16
C LEU B 409 3.87 21.52 -7.32
N ALA B 410 4.15 21.43 -6.02
CA ALA B 410 3.77 22.45 -5.07
C ALA B 410 4.51 23.76 -5.34
N THR B 411 5.83 23.70 -5.23
CA THR B 411 6.71 24.84 -5.46
C THR B 411 6.30 25.67 -6.68
N ALA B 412 5.89 24.98 -7.73
CA ALA B 412 5.73 25.57 -9.05
C ALA B 412 4.37 26.24 -9.18
N PHE B 413 3.34 25.52 -8.76
CA PHE B 413 1.96 26.01 -8.87
C PHE B 413 1.66 27.09 -7.84
N ARG B 414 2.43 27.11 -6.76
CA ARG B 414 2.33 28.16 -5.76
C ARG B 414 2.71 29.48 -6.38
N GLU B 415 3.93 29.54 -6.91
CA GLU B 415 4.57 30.79 -7.29
C GLU B 415 4.27 31.20 -8.72
N TYR B 416 3.66 30.29 -9.48
CA TYR B 416 3.39 30.53 -10.90
C TYR B 416 2.00 30.08 -11.29
N ASP B 417 1.58 30.54 -12.46
CA ASP B 417 0.48 29.91 -13.19
C ASP B 417 1.03 29.34 -14.49
N PHE B 418 0.17 28.68 -15.24
CA PHE B 418 0.60 28.01 -16.46
C PHE B 418 -0.59 27.87 -17.40
N GLN B 419 -0.28 27.59 -18.66
CA GLN B 419 -1.32 27.49 -19.69
C GLN B 419 -0.72 26.80 -20.90
N LEU B 420 -1.47 25.88 -21.48
CA LEU B 420 -0.95 25.13 -22.61
C LEU B 420 -1.21 25.83 -23.94
N LEU B 421 -0.15 25.94 -24.72
CA LEU B 421 -0.18 26.63 -26.01
C LEU B 421 -1.08 25.87 -26.97
N ARG B 422 -1.67 24.82 -26.43
CA ARG B 422 -2.30 23.78 -27.22
C ARG B 422 -3.70 23.52 -26.68
N ASP B 423 -4.60 23.14 -27.58
CA ASP B 423 -5.96 22.82 -27.19
C ASP B 423 -5.96 21.62 -26.24
N GLU B 424 -5.25 20.56 -26.63
CA GLU B 424 -5.29 19.31 -25.88
C GLU B 424 -3.97 18.98 -25.22
N VAL B 425 -4.05 18.05 -24.28
CA VAL B 425 -2.88 17.52 -23.61
C VAL B 425 -2.05 16.75 -24.63
N PRO B 426 -0.71 16.81 -24.49
CA PRO B 426 0.18 16.03 -25.34
C PRO B 426 -0.26 14.58 -25.55
N ASP B 427 -0.26 14.15 -26.81
CA ASP B 427 -0.26 12.72 -27.14
C ASP B 427 1.06 12.14 -26.63
N PRO B 428 1.03 10.92 -26.06
CA PRO B 428 2.28 10.30 -25.63
C PRO B 428 3.19 9.98 -26.80
N ASP B 429 4.49 9.89 -26.54
CA ASP B 429 5.46 9.55 -27.56
C ASP B 429 6.03 8.17 -27.30
N TYR B 430 5.38 7.17 -27.88
CA TYR B 430 5.70 5.78 -27.57
C TYR B 430 7.06 5.35 -28.10
N HIS B 431 7.80 6.31 -28.66
CA HIS B 431 8.96 5.98 -29.48
C HIS B 431 10.27 6.23 -28.75
N THR B 432 10.17 6.33 -27.44
CA THR B 432 11.33 6.38 -26.57
C THR B 432 11.36 5.12 -25.70
N MET B 433 12.53 4.80 -25.16
CA MET B 433 12.63 3.72 -24.18
C MET B 433 11.65 3.98 -23.03
N VAL B 434 11.81 5.13 -22.39
CA VAL B 434 10.88 5.58 -21.36
C VAL B 434 9.91 6.59 -21.95
N VAL B 435 8.62 6.29 -21.84
CA VAL B 435 7.60 6.99 -22.61
C VAL B 435 7.09 8.26 -21.91
N GLY B 436 7.22 9.39 -22.58
CA GLY B 436 6.73 10.66 -22.03
C GLY B 436 5.67 11.31 -22.91
N PRO B 437 5.23 12.52 -22.53
CA PRO B 437 4.46 13.28 -23.50
C PRO B 437 5.38 13.75 -24.62
N THR B 438 4.80 14.12 -25.74
CA THR B 438 5.59 14.35 -26.94
C THR B 438 6.28 15.71 -26.92
N LEU B 439 7.61 15.68 -27.00
CA LEU B 439 8.45 16.83 -26.68
C LEU B 439 7.98 18.13 -27.33
N ASN B 440 7.84 18.11 -28.64
CA ASN B 440 7.41 19.29 -29.41
C ASN B 440 5.94 19.65 -29.19
N GLN B 441 5.30 19.01 -28.22
CA GLN B 441 3.93 19.39 -27.84
C GLN B 441 3.88 19.95 -26.42
N CYS B 442 5.06 20.10 -25.80
CA CYS B 442 5.14 20.48 -24.39
C CYS B 442 5.40 21.97 -24.19
N LEU B 443 4.98 22.79 -25.14
CA LEU B 443 5.20 24.22 -25.02
C LEU B 443 4.06 24.87 -24.25
N VAL B 444 4.46 25.52 -23.16
CA VAL B 444 3.53 26.08 -22.19
C VAL B 444 3.98 27.48 -21.80
N LYS B 445 3.00 28.35 -21.57
CA LYS B 445 3.26 29.74 -21.21
C LYS B 445 3.08 29.96 -19.71
N TYR B 446 4.18 30.16 -19.00
CA TYR B 446 4.10 30.41 -17.56
C TYR B 446 3.81 31.88 -17.31
N THR B 447 2.88 32.11 -16.39
CA THR B 447 2.62 33.45 -15.87
C THR B 447 3.02 33.47 -14.40
N ARG B 448 4.15 34.11 -14.10
CA ARG B 448 4.54 34.29 -12.72
C ARG B 448 3.38 34.89 -11.93
N LYS B 449 3.17 34.40 -10.71
CA LYS B 449 2.09 34.90 -9.87
C LYS B 449 2.57 36.11 -9.09
N LYS B 450 1.65 37.01 -8.78
CA LYS B 450 1.98 38.24 -8.07
C LYS B 450 0.90 38.63 -7.06
N LYS B 451 1.35 39.08 -5.89
CA LYS B 451 0.45 39.43 -4.80
C LYS B 451 0.53 40.92 -4.49
#